data_6PVE
#
_entry.id   6PVE
#
_cell.length_a   45.901
_cell.length_b   62.359
_cell.length_c   107.858
_cell.angle_alpha   91.781
_cell.angle_beta   97.608
_cell.angle_gamma   111.555
#
_symmetry.space_group_name_H-M   'P 1'
#
loop_
_entity.id
_entity.type
_entity.pdbx_description
1 polymer 'NNMT protein'
2 non-polymer 9-(5-{[(3S)-3-amino-3-carboxypropyl][3-(3-carbamoylphenyl)propyl]amino}-5-deoxy-alpha-D-ribofuranosyl)-9H-purin-6-amine
3 water water
#
_entity_poly.entity_id   1
_entity_poly.type   'polypeptide(L)'
_entity_poly.pdbx_seq_one_letter_code
;MGSSHHHHHHSSGLVPRGSMESGFTSKDTYLSHFNPRDYLEKYYKFGSRHSAESQILKHLLKNLFKIFCLDGVKGDLLID
IGSGPTIYQLLSACESFKEIVVTDYSDQNLQELEKWLKAAPAAFDWSPVVTYVCDLEGNRVKGPEKEEKLRQAVKQVLKC
DVTQSQPLGAVPLPPADCVLSTLCLDAACPDLPTYCRALRNLGSLLKPGGFLVIMDALKSSYYMIGEQKFSSLPLGREAV
EAAVKEAGYTIEWFEVISQSYSSTMANNEGLFSLVARKLSRPL
;
_entity_poly.pdbx_strand_id   A,B,C,D
#
# COMPACT_ATOMS: atom_id res chain seq x y z
N HIS A 10 -12.16 -28.77 -7.81
CA HIS A 10 -13.28 -28.25 -8.59
C HIS A 10 -14.22 -29.38 -9.01
N SER A 11 -15.45 -29.01 -9.38
CA SER A 11 -16.47 -29.98 -9.76
C SER A 11 -16.74 -30.02 -11.26
N SER A 12 -16.13 -29.13 -12.04
CA SER A 12 -16.17 -29.19 -13.50
C SER A 12 -17.58 -29.01 -14.04
N GLY A 13 -18.42 -28.26 -13.32
CA GLY A 13 -19.76 -27.97 -13.77
C GLY A 13 -20.84 -28.86 -13.20
N LEU A 14 -20.46 -29.98 -12.57
CA LEU A 14 -21.44 -30.84 -11.90
C LEU A 14 -22.28 -30.06 -10.91
N VAL A 15 -21.73 -28.97 -10.39
CA VAL A 15 -22.30 -28.24 -9.27
C VAL A 15 -21.66 -26.86 -9.35
N PRO A 16 -22.31 -25.80 -8.89
CA PRO A 16 -21.67 -24.48 -8.95
C PRO A 16 -20.33 -24.47 -8.24
N ARG A 17 -19.46 -23.55 -8.67
CA ARG A 17 -18.15 -23.42 -8.05
C ARG A 17 -18.31 -23.03 -6.59
N GLY A 18 -17.44 -23.60 -5.75
CA GLY A 18 -17.49 -23.33 -4.33
C GLY A 18 -18.73 -23.83 -3.62
N SER A 19 -19.46 -24.76 -4.22
CA SER A 19 -20.72 -25.22 -3.67
C SER A 19 -20.71 -26.66 -3.19
N MET A 20 -19.62 -27.40 -3.40
CA MET A 20 -19.63 -28.84 -3.19
C MET A 20 -20.01 -29.21 -1.76
N GLU A 21 -19.45 -28.51 -0.77
CA GLU A 21 -19.72 -28.87 0.62
C GLU A 21 -21.03 -28.30 1.11
N SER A 22 -21.23 -26.99 0.95
CA SER A 22 -22.38 -26.31 1.56
C SER A 22 -23.64 -26.36 0.71
N GLY A 23 -23.53 -26.64 -0.58
CA GLY A 23 -24.66 -26.58 -1.48
C GLY A 23 -24.86 -25.23 -2.15
N PHE A 24 -24.04 -24.24 -1.83
CA PHE A 24 -24.16 -22.91 -2.39
C PHE A 24 -22.78 -22.28 -2.52
N THR A 25 -22.58 -21.54 -3.60
CA THR A 25 -21.32 -20.86 -3.86
C THR A 25 -20.89 -20.05 -2.64
N SER A 26 -19.78 -20.44 -2.02
CA SER A 26 -19.25 -19.66 -0.92
C SER A 26 -18.84 -18.28 -1.40
N LYS A 27 -18.83 -17.30 -0.48
CA LYS A 27 -18.49 -15.95 -0.91
C LYS A 27 -17.01 -15.79 -1.23
N ASP A 28 -16.14 -16.61 -0.63
CA ASP A 28 -14.73 -16.61 -1.03
C ASP A 28 -14.62 -16.76 -2.53
N THR A 29 -15.53 -17.52 -3.15
CA THR A 29 -15.46 -17.76 -4.59
C THR A 29 -15.58 -16.46 -5.37
N TYR A 30 -16.29 -15.48 -4.81
CA TYR A 30 -16.42 -14.18 -5.47
C TYR A 30 -15.14 -13.36 -5.41
N LEU A 31 -14.23 -13.68 -4.50
CA LEU A 31 -12.92 -13.06 -4.49
C LEU A 31 -11.89 -13.83 -5.30
N SER A 32 -12.22 -15.03 -5.76
CA SER A 32 -11.28 -15.87 -6.50
C SER A 32 -11.64 -16.03 -7.97
N HIS A 33 -12.87 -16.43 -8.30
CA HIS A 33 -13.19 -16.84 -9.65
C HIS A 33 -14.15 -15.90 -10.39
N PHE A 34 -14.66 -14.86 -9.75
CA PHE A 34 -15.54 -13.92 -10.43
C PHE A 34 -14.67 -12.87 -11.13
N ASN A 35 -14.57 -12.98 -12.46
CA ASN A 35 -13.77 -12.05 -13.24
C ASN A 35 -14.68 -10.96 -13.81
N PRO A 36 -14.57 -9.70 -13.33
CA PRO A 36 -15.49 -8.66 -13.81
C PRO A 36 -15.43 -8.44 -15.32
N ARG A 37 -14.24 -8.51 -15.91
CA ARG A 37 -14.14 -8.31 -17.35
C ARG A 37 -14.83 -9.44 -18.10
N ASP A 38 -14.66 -10.70 -17.65
CA ASP A 38 -15.38 -11.79 -18.30
C ASP A 38 -16.89 -11.66 -18.08
N TYR A 39 -17.32 -11.17 -16.91
CA TYR A 39 -18.75 -10.98 -16.66
C TYR A 39 -19.33 -9.87 -17.54
N LEU A 40 -18.69 -8.70 -17.55
CA LEU A 40 -19.17 -7.59 -18.38
C LEU A 40 -19.16 -7.97 -19.85
N GLU A 41 -18.11 -8.66 -20.29
CA GLU A 41 -18.03 -9.08 -21.68
C GLU A 41 -19.20 -9.96 -22.05
N LYS A 42 -19.60 -10.86 -21.14
CA LYS A 42 -20.64 -11.83 -21.45
C LYS A 42 -22.05 -11.27 -21.35
N TYR A 43 -22.29 -10.33 -20.42
CA TYR A 43 -23.66 -9.93 -20.11
C TYR A 43 -24.04 -8.53 -20.53
N TYR A 44 -23.07 -7.63 -20.73
CA TYR A 44 -23.38 -6.21 -20.86
C TYR A 44 -22.67 -5.63 -22.07
N LYS A 45 -22.42 -6.46 -23.08
CA LYS A 45 -21.71 -6.01 -24.26
C LYS A 45 -22.60 -5.15 -25.15
N PHE A 46 -23.88 -5.51 -25.24
CA PHE A 46 -24.91 -4.71 -25.89
C PHE A 46 -24.60 -4.42 -27.34
N GLY A 47 -23.67 -5.20 -27.92
CA GLY A 47 -23.27 -5.05 -29.31
C GLY A 47 -24.31 -5.52 -30.30
N SER A 48 -25.15 -6.48 -29.90
CA SER A 48 -26.27 -6.95 -30.71
C SER A 48 -27.52 -6.81 -29.87
N ARG A 49 -28.52 -6.01 -30.32
CA ARG A 49 -29.60 -5.75 -29.35
C ARG A 49 -30.53 -6.90 -29.22
N HIS A 50 -30.50 -7.84 -30.15
CA HIS A 50 -31.63 -8.72 -30.15
C HIS A 50 -31.30 -10.00 -29.43
N SER A 51 -30.13 -10.04 -28.77
CA SER A 51 -29.75 -11.14 -27.91
C SER A 51 -30.68 -11.23 -26.71
N ALA A 52 -30.76 -12.42 -26.12
CA ALA A 52 -31.43 -12.60 -24.83
C ALA A 52 -30.86 -11.68 -23.76
N GLU A 53 -29.53 -11.51 -23.73
CA GLU A 53 -28.92 -10.64 -22.72
C GLU A 53 -29.35 -9.19 -22.92
N SER A 54 -29.31 -8.71 -24.16
CA SER A 54 -29.67 -7.33 -24.43
C SER A 54 -31.16 -7.08 -24.17
N GLN A 55 -32.01 -8.06 -24.46
CA GLN A 55 -33.44 -7.90 -24.20
C GLN A 55 -33.71 -7.74 -22.71
N ILE A 56 -33.00 -8.50 -21.87
CA ILE A 56 -33.15 -8.37 -20.43
C ILE A 56 -32.68 -6.99 -19.98
N LEU A 57 -31.50 -6.58 -20.44
CA LEU A 57 -30.94 -5.29 -20.05
C LEU A 57 -31.86 -4.16 -20.44
N LYS A 58 -32.45 -4.23 -21.63
CA LYS A 58 -33.34 -3.16 -22.07
C LYS A 58 -34.57 -3.07 -21.18
N HIS A 59 -35.09 -4.22 -20.75
CA HIS A 59 -36.24 -4.17 -19.87
C HIS A 59 -35.88 -3.62 -18.50
N LEU A 60 -34.72 -4.02 -17.95
CA LEU A 60 -34.26 -3.45 -16.69
C LEU A 60 -34.11 -1.94 -16.81
N LEU A 61 -33.54 -1.46 -17.91
CA LEU A 61 -33.34 -0.02 -18.08
C LEU A 61 -34.66 0.74 -18.14
N LYS A 62 -35.66 0.19 -18.85
CA LYS A 62 -36.95 0.85 -18.92
C LYS A 62 -37.61 0.92 -17.55
N ASN A 63 -37.48 -0.15 -16.75
CA ASN A 63 -38.08 -0.14 -15.42
C ASN A 63 -37.37 0.86 -14.51
N LEU A 64 -36.03 0.87 -14.53
CA LEU A 64 -35.29 1.85 -13.74
C LEU A 64 -35.62 3.26 -14.20
N PHE A 65 -35.75 3.46 -15.51
CA PHE A 65 -36.20 4.74 -16.02
C PHE A 65 -37.59 5.07 -15.48
N LYS A 66 -38.52 4.10 -15.55
CA LYS A 66 -39.87 4.33 -15.05
C LYS A 66 -39.88 4.61 -13.56
N ILE A 67 -39.03 3.91 -12.80
CA ILE A 67 -39.04 4.05 -11.35
C ILE A 67 -38.51 5.41 -10.93
N PHE A 68 -37.40 5.85 -11.53
CA PHE A 68 -36.70 7.03 -11.04
C PHE A 68 -37.05 8.32 -11.77
N CYS A 69 -37.54 8.25 -13.01
CA CYS A 69 -37.79 9.46 -13.78
C CYS A 69 -39.26 9.72 -14.08
N LEU A 70 -40.12 8.71 -14.03
CA LEU A 70 -41.54 8.91 -14.21
C LEU A 70 -42.30 8.83 -12.89
N ASP A 71 -41.93 7.87 -12.04
CA ASP A 71 -42.49 7.77 -10.71
C ASP A 71 -41.85 8.87 -9.85
N GLY A 72 -42.10 8.83 -8.56
CA GLY A 72 -41.47 9.84 -7.72
C GLY A 72 -40.19 9.46 -7.04
N VAL A 73 -39.71 8.21 -7.21
CA VAL A 73 -38.56 7.73 -6.47
C VAL A 73 -37.35 8.63 -6.72
N LYS A 74 -37.04 9.44 -5.72
CA LYS A 74 -35.99 10.45 -5.79
C LYS A 74 -35.55 10.75 -4.36
N GLY A 75 -34.48 11.52 -4.24
CA GLY A 75 -34.03 11.91 -2.92
C GLY A 75 -32.55 12.26 -2.93
N ASP A 76 -31.98 12.31 -1.73
CA ASP A 76 -30.60 12.72 -1.58
C ASP A 76 -29.63 11.58 -1.84
N LEU A 77 -29.81 10.46 -1.14
CA LEU A 77 -28.85 9.36 -1.16
C LEU A 77 -29.51 8.08 -1.63
N LEU A 78 -28.90 7.45 -2.63
CA LEU A 78 -29.25 6.10 -3.06
C LEU A 78 -28.03 5.20 -2.84
N ILE A 79 -28.24 4.05 -2.23
CA ILE A 79 -27.18 3.06 -2.03
C ILE A 79 -27.47 1.87 -2.95
N ASP A 80 -26.53 1.58 -3.84
CA ASP A 80 -26.63 0.42 -4.72
C ASP A 80 -25.91 -0.75 -4.07
N ILE A 81 -26.61 -1.88 -3.96
CA ILE A 81 -26.16 -3.05 -3.20
C ILE A 81 -25.83 -4.16 -4.18
N GLY A 82 -24.58 -4.62 -4.16
CA GLY A 82 -24.16 -5.64 -5.09
C GLY A 82 -23.97 -5.13 -6.50
N SER A 83 -23.37 -3.94 -6.63
CA SER A 83 -23.18 -3.30 -7.93
C SER A 83 -22.38 -4.16 -8.89
N GLY A 84 -21.51 -5.03 -8.37
CA GLY A 84 -20.55 -5.71 -9.20
C GLY A 84 -19.72 -4.71 -9.94
N PRO A 85 -19.42 -4.99 -11.21
CA PRO A 85 -18.71 -4.00 -12.02
C PRO A 85 -19.59 -3.22 -12.98
N THR A 86 -20.91 -3.16 -12.73
CA THR A 86 -21.84 -2.54 -13.67
C THR A 86 -22.32 -1.19 -13.16
N ILE A 87 -22.65 -0.31 -14.10
CA ILE A 87 -23.23 0.99 -13.81
C ILE A 87 -24.55 1.23 -14.52
N TYR A 88 -25.02 0.29 -15.35
CA TYR A 88 -26.27 0.49 -16.07
C TYR A 88 -27.42 0.79 -15.11
N GLN A 89 -27.43 0.14 -13.95
CA GLN A 89 -28.51 0.28 -12.97
C GLN A 89 -28.53 1.64 -12.30
N LEU A 90 -27.59 2.53 -12.62
CA LEU A 90 -27.52 3.85 -11.98
C LEU A 90 -27.77 5.01 -12.93
N LEU A 91 -27.87 4.75 -14.24
CA LEU A 91 -27.93 5.86 -15.19
C LEU A 91 -29.18 6.71 -14.99
N SER A 92 -30.34 6.07 -14.86
CA SER A 92 -31.56 6.84 -14.63
C SER A 92 -31.66 7.36 -13.20
N ALA A 93 -31.16 6.59 -12.22
CA ALA A 93 -31.22 7.04 -10.83
C ALA A 93 -30.38 8.28 -10.62
N CYS A 94 -29.29 8.41 -11.37
CA CYS A 94 -28.45 9.60 -11.35
C CYS A 94 -29.24 10.88 -11.58
N GLU A 95 -30.35 10.81 -12.31
CA GLU A 95 -31.16 12.01 -12.58
C GLU A 95 -32.00 12.45 -11.40
N SER A 96 -32.29 11.57 -10.44
CA SER A 96 -33.15 11.90 -9.32
C SER A 96 -32.48 11.76 -7.95
N PHE A 97 -31.22 11.38 -7.91
CA PHE A 97 -30.50 11.28 -6.65
C PHE A 97 -29.20 12.05 -6.74
N LYS A 98 -28.98 12.93 -5.76
CA LYS A 98 -27.76 13.74 -5.74
C LYS A 98 -26.53 12.88 -5.52
N GLU A 99 -26.59 11.95 -4.56
CA GLU A 99 -25.46 11.11 -4.20
C GLU A 99 -25.82 9.65 -4.36
N ILE A 100 -24.91 8.89 -4.97
CA ILE A 100 -25.05 7.45 -5.15
C ILE A 100 -23.84 6.78 -4.51
N VAL A 101 -24.10 5.72 -3.75
CA VAL A 101 -23.03 4.90 -3.16
C VAL A 101 -23.11 3.53 -3.82
N VAL A 102 -22.00 3.09 -4.43
CA VAL A 102 -21.94 1.78 -5.06
C VAL A 102 -21.18 0.84 -4.13
N THR A 103 -21.69 -0.39 -4.00
CA THR A 103 -21.17 -1.35 -3.06
C THR A 103 -21.13 -2.72 -3.71
N ASP A 104 -20.18 -3.54 -3.28
CA ASP A 104 -20.11 -4.93 -3.71
C ASP A 104 -19.22 -5.70 -2.75
N TYR A 105 -19.38 -7.03 -2.77
CA TYR A 105 -18.53 -7.89 -1.96
C TYR A 105 -17.18 -8.17 -2.61
N SER A 106 -17.11 -8.11 -3.93
CA SER A 106 -15.92 -8.51 -4.66
C SER A 106 -14.99 -7.31 -4.87
N ASP A 107 -13.75 -7.45 -4.41
CA ASP A 107 -12.75 -6.40 -4.63
C ASP A 107 -12.46 -6.20 -6.10
N GLN A 108 -12.39 -7.29 -6.88
CA GLN A 108 -12.16 -7.17 -8.32
C GLN A 108 -13.27 -6.35 -8.97
N ASN A 109 -14.52 -6.57 -8.55
CA ASN A 109 -15.63 -5.81 -9.10
C ASN A 109 -15.51 -4.33 -8.75
N LEU A 110 -15.17 -4.03 -7.50
CA LEU A 110 -15.01 -2.64 -7.10
C LEU A 110 -13.88 -1.97 -7.86
N GLN A 111 -12.77 -2.68 -8.07
CA GLN A 111 -11.68 -2.13 -8.87
C GLN A 111 -12.15 -1.78 -10.28
N GLU A 112 -12.88 -2.71 -10.91
CA GLU A 112 -13.41 -2.45 -12.24
C GLU A 112 -14.32 -1.23 -12.25
N LEU A 113 -15.11 -1.06 -11.18
CA LEU A 113 -15.96 0.12 -11.05
C LEU A 113 -15.12 1.39 -10.95
N GLU A 114 -14.12 1.38 -10.07
CA GLU A 114 -13.30 2.57 -9.88
C GLU A 114 -12.53 2.92 -11.15
N LYS A 115 -12.21 1.92 -11.98
CA LYS A 115 -11.60 2.21 -13.27
C LYS A 115 -12.54 3.04 -14.15
N TRP A 116 -13.82 2.67 -14.20
CA TRP A 116 -14.76 3.44 -15.01
C TRP A 116 -15.03 4.81 -14.41
N LEU A 117 -15.02 4.92 -13.08
CA LEU A 117 -15.21 6.22 -12.45
C LEU A 117 -14.05 7.15 -12.79
N LYS A 118 -12.83 6.60 -12.85
CA LYS A 118 -11.67 7.37 -13.27
C LYS A 118 -11.67 7.61 -14.77
N ALA A 119 -12.58 6.97 -15.51
CA ALA A 119 -12.59 7.02 -16.97
C ALA A 119 -11.24 6.58 -17.54
N ALA A 120 -10.67 5.54 -16.92
CA ALA A 120 -9.42 5.00 -17.42
C ALA A 120 -9.65 4.34 -18.78
N PRO A 121 -8.69 4.47 -19.71
CA PRO A 121 -8.89 3.89 -21.04
C PRO A 121 -9.13 2.39 -21.02
N ALA A 122 -8.60 1.68 -20.03
CA ALA A 122 -8.82 0.25 -19.91
C ALA A 122 -10.19 -0.11 -19.36
N ALA A 123 -10.98 0.87 -18.92
CA ALA A 123 -12.29 0.59 -18.35
C ALA A 123 -13.25 0.06 -19.42
N PHE A 124 -14.32 -0.58 -18.96
CA PHE A 124 -15.34 -1.12 -19.85
C PHE A 124 -16.08 0.01 -20.56
N ASP A 125 -16.51 -0.28 -21.78
CA ASP A 125 -17.22 0.69 -22.62
C ASP A 125 -18.72 0.53 -22.40
N TRP A 126 -19.31 1.46 -21.64
CA TRP A 126 -20.74 1.49 -21.41
C TRP A 126 -21.47 2.36 -22.41
N SER A 127 -20.75 2.90 -23.40
CA SER A 127 -21.31 3.86 -24.36
C SER A 127 -22.63 3.44 -24.99
N PRO A 128 -22.81 2.24 -25.55
CA PRO A 128 -24.12 1.93 -26.15
C PRO A 128 -25.23 1.81 -25.13
N VAL A 129 -24.92 1.35 -23.91
CA VAL A 129 -25.92 1.35 -22.85
C VAL A 129 -26.29 2.77 -22.46
N VAL A 130 -25.30 3.66 -22.36
CA VAL A 130 -25.55 5.05 -22.00
C VAL A 130 -26.44 5.72 -23.04
N THR A 131 -26.13 5.53 -24.32
CA THR A 131 -26.92 6.12 -25.39
C THR A 131 -28.37 5.67 -25.30
N TYR A 132 -28.60 4.40 -24.99
CA TYR A 132 -29.96 3.89 -24.87
C TYR A 132 -30.73 4.63 -23.77
N VAL A 133 -30.09 4.84 -22.62
CA VAL A 133 -30.77 5.53 -21.52
C VAL A 133 -31.03 6.98 -21.89
N CYS A 134 -30.09 7.62 -22.61
CA CYS A 134 -30.30 9.01 -22.99
C CYS A 134 -31.47 9.16 -23.96
N ASP A 135 -31.72 8.14 -24.78
CA ASP A 135 -32.89 8.18 -25.65
C ASP A 135 -34.16 7.93 -24.86
N LEU A 136 -34.10 7.09 -23.83
CA LEU A 136 -35.26 6.89 -22.97
C LEU A 136 -35.66 8.17 -22.28
N GLU A 137 -34.69 9.02 -21.94
CA GLU A 137 -34.94 10.23 -21.16
C GLU A 137 -35.17 11.45 -22.04
N GLY A 138 -35.44 11.26 -23.33
CA GLY A 138 -35.79 12.35 -24.22
C GLY A 138 -34.66 13.04 -24.92
N ASN A 139 -33.44 12.47 -24.89
CA ASN A 139 -32.28 13.05 -25.56
C ASN A 139 -32.01 14.49 -25.13
N ARG A 140 -32.27 14.81 -23.86
CA ARG A 140 -31.89 16.13 -23.36
C ARG A 140 -30.38 16.32 -23.40
N VAL A 141 -29.63 15.26 -23.14
CA VAL A 141 -28.18 15.26 -23.21
C VAL A 141 -27.76 14.12 -24.12
N LYS A 142 -26.45 14.02 -24.35
CA LYS A 142 -25.88 12.93 -25.10
C LYS A 142 -25.00 12.09 -24.17
N GLY A 143 -24.41 11.04 -24.73
CA GLY A 143 -23.72 10.03 -23.97
C GLY A 143 -22.67 10.56 -23.00
N PRO A 144 -21.66 11.28 -23.53
CA PRO A 144 -20.58 11.75 -22.66
C PRO A 144 -21.04 12.62 -21.51
N GLU A 145 -22.00 13.52 -21.75
CA GLU A 145 -22.51 14.35 -20.66
C GLU A 145 -23.25 13.52 -19.63
N LYS A 146 -23.97 12.49 -20.07
CA LYS A 146 -24.66 11.61 -19.13
C LYS A 146 -23.65 10.86 -18.25
N GLU A 147 -22.62 10.28 -18.88
CA GLU A 147 -21.62 9.54 -18.13
C GLU A 147 -20.97 10.42 -17.07
N GLU A 148 -20.67 11.67 -17.42
CA GLU A 148 -20.01 12.56 -16.47
C GLU A 148 -20.93 12.89 -15.29
N LYS A 149 -22.22 13.07 -15.56
CA LYS A 149 -23.16 13.34 -14.48
C LYS A 149 -23.22 12.16 -13.51
N LEU A 150 -23.20 10.94 -14.03
CA LEU A 150 -23.19 9.77 -13.16
C LEU A 150 -21.87 9.66 -12.40
N ARG A 151 -20.74 9.92 -13.08
CA ARG A 151 -19.45 9.83 -12.41
C ARG A 151 -19.36 10.78 -11.23
N GLN A 152 -19.98 11.96 -11.34
CA GLN A 152 -19.96 12.91 -10.24
C GLN A 152 -20.94 12.52 -9.14
N ALA A 153 -21.98 11.76 -9.46
CA ALA A 153 -22.96 11.36 -8.47
C ALA A 153 -22.44 10.26 -7.56
N VAL A 154 -21.58 9.38 -8.07
CA VAL A 154 -21.07 8.26 -7.29
C VAL A 154 -20.02 8.82 -6.32
N LYS A 155 -20.40 8.93 -5.05
CA LYS A 155 -19.54 9.53 -4.04
C LYS A 155 -18.72 8.51 -3.26
N GLN A 156 -19.19 7.27 -3.15
CA GLN A 156 -18.49 6.25 -2.38
C GLN A 156 -18.52 4.92 -3.12
N VAL A 157 -17.39 4.20 -3.03
CA VAL A 157 -17.26 2.84 -3.55
C VAL A 157 -16.87 1.98 -2.35
N LEU A 158 -17.81 1.18 -1.85
CA LEU A 158 -17.67 0.54 -0.55
C LEU A 158 -17.73 -0.97 -0.65
N LYS A 159 -17.01 -1.64 0.25
CA LYS A 159 -17.14 -3.07 0.43
C LYS A 159 -18.49 -3.39 1.08
N CYS A 160 -19.13 -4.47 0.62
CA CYS A 160 -20.48 -4.80 1.05
C CYS A 160 -20.62 -6.29 1.29
N ASP A 161 -21.40 -6.64 2.30
CA ASP A 161 -21.75 -8.04 2.57
C ASP A 161 -23.19 -8.05 3.09
N VAL A 162 -24.13 -8.51 2.25
CA VAL A 162 -25.54 -8.44 2.63
C VAL A 162 -25.88 -9.38 3.78
N THR A 163 -25.04 -10.39 4.05
CA THR A 163 -25.35 -11.35 5.10
C THR A 163 -25.03 -10.82 6.50
N GLN A 164 -24.48 -9.61 6.62
CA GLN A 164 -24.09 -9.04 7.89
C GLN A 164 -25.12 -8.01 8.36
N SER A 165 -25.29 -7.93 9.69
CA SER A 165 -26.18 -6.94 10.27
C SER A 165 -25.84 -5.54 9.81
N GLN A 166 -24.55 -5.22 9.72
CA GLN A 166 -24.06 -3.99 9.11
C GLN A 166 -23.49 -4.33 7.74
N PRO A 167 -24.27 -4.24 6.67
CA PRO A 167 -23.76 -4.66 5.36
C PRO A 167 -22.55 -3.86 4.90
N LEU A 168 -22.45 -2.59 5.27
CA LEU A 168 -21.33 -1.74 4.88
C LEU A 168 -20.29 -1.63 6.00
N GLY A 169 -20.34 -2.51 6.99
CA GLY A 169 -19.37 -2.45 8.07
C GLY A 169 -19.59 -1.23 8.93
N ALA A 170 -18.49 -0.57 9.28
CA ALA A 170 -18.52 0.59 10.16
C ALA A 170 -18.56 1.91 9.40
N VAL A 171 -18.72 1.88 8.08
CA VAL A 171 -18.76 3.11 7.29
C VAL A 171 -20.03 3.87 7.63
N PRO A 172 -19.93 5.10 8.13
CA PRO A 172 -21.14 5.86 8.49
C PRO A 172 -21.74 6.49 7.25
N LEU A 173 -23.05 6.32 7.07
CA LEU A 173 -23.78 6.92 5.97
C LEU A 173 -25.09 7.47 6.49
N PRO A 174 -25.62 8.51 5.84
CA PRO A 174 -26.98 8.94 6.15
C PRO A 174 -27.95 7.81 5.84
N PRO A 175 -29.08 7.77 6.55
CA PRO A 175 -30.17 6.89 6.11
C PRO A 175 -30.51 7.20 4.67
N ALA A 176 -30.53 6.17 3.84
CA ALA A 176 -30.75 6.38 2.42
C ALA A 176 -32.21 6.69 2.14
N ASP A 177 -32.44 7.44 1.06
CA ASP A 177 -33.79 7.60 0.56
C ASP A 177 -34.23 6.39 -0.25
N CYS A 178 -33.28 5.60 -0.75
CA CYS A 178 -33.58 4.43 -1.55
C CYS A 178 -32.40 3.47 -1.47
N VAL A 179 -32.71 2.17 -1.45
CA VAL A 179 -31.73 1.12 -1.58
C VAL A 179 -32.05 0.33 -2.84
N LEU A 180 -31.08 0.21 -3.73
CA LEU A 180 -31.25 -0.49 -4.99
C LEU A 180 -30.35 -1.72 -5.03
N SER A 181 -30.87 -2.79 -5.64
CA SER A 181 -30.09 -4.03 -5.76
C SER A 181 -30.58 -4.78 -6.99
N THR A 182 -29.74 -4.89 -8.00
CA THR A 182 -30.07 -5.59 -9.23
C THR A 182 -29.19 -6.82 -9.35
N LEU A 183 -29.84 -7.99 -9.45
CA LEU A 183 -29.18 -9.26 -9.78
C LEU A 183 -28.16 -9.68 -8.72
N CYS A 184 -28.36 -9.31 -7.47
CA CYS A 184 -27.39 -9.64 -6.43
C CYS A 184 -27.92 -10.57 -5.35
N LEU A 185 -29.16 -10.40 -4.91
CA LEU A 185 -29.63 -11.14 -3.76
C LEU A 185 -29.75 -12.63 -4.04
N ASP A 186 -30.18 -12.99 -5.25
CA ASP A 186 -30.20 -14.40 -5.63
C ASP A 186 -28.81 -15.01 -5.57
N ALA A 187 -27.79 -14.24 -5.94
CA ALA A 187 -26.44 -14.76 -5.97
C ALA A 187 -25.82 -14.82 -4.57
N ALA A 188 -26.27 -13.94 -3.66
CA ALA A 188 -25.62 -13.76 -2.38
C ALA A 188 -26.22 -14.57 -1.23
N CYS A 189 -27.49 -14.97 -1.31
CA CYS A 189 -28.15 -15.58 -0.17
C CYS A 189 -28.37 -17.07 -0.44
N PRO A 190 -27.72 -17.96 0.31
CA PRO A 190 -27.84 -19.40 0.03
C PRO A 190 -29.20 -20.00 0.37
N ASP A 191 -30.00 -19.37 1.22
CA ASP A 191 -31.31 -19.90 1.53
C ASP A 191 -32.27 -18.74 1.80
N LEU A 192 -33.55 -19.08 1.92
CA LEU A 192 -34.62 -18.11 2.11
C LEU A 192 -34.50 -17.37 3.45
N PRO A 193 -34.12 -18.04 4.55
CA PRO A 193 -33.88 -17.28 5.79
C PRO A 193 -32.76 -16.25 5.66
N THR A 194 -31.63 -16.60 5.03
CA THR A 194 -30.61 -15.61 4.77
C THR A 194 -31.14 -14.48 3.89
N TYR A 195 -31.93 -14.85 2.88
CA TYR A 195 -32.53 -13.86 1.99
C TYR A 195 -33.36 -12.84 2.76
N CYS A 196 -34.26 -13.34 3.62
CA CYS A 196 -35.10 -12.44 4.40
C CYS A 196 -34.27 -11.59 5.35
N ARG A 197 -33.25 -12.20 5.97
CA ARG A 197 -32.38 -11.44 6.86
C ARG A 197 -31.56 -10.41 6.08
N ALA A 198 -31.12 -10.77 4.87
CA ALA A 198 -30.40 -9.80 4.04
C ALA A 198 -31.29 -8.60 3.72
N LEU A 199 -32.57 -8.83 3.44
CA LEU A 199 -33.48 -7.72 3.20
C LEU A 199 -33.65 -6.89 4.46
N ARG A 200 -33.61 -7.52 5.63
CA ARG A 200 -33.67 -6.77 6.88
C ARG A 200 -32.39 -5.96 7.08
N ASN A 201 -31.23 -6.59 6.80
CA ASN A 201 -29.96 -5.88 6.87
C ASN A 201 -29.94 -4.67 5.96
N LEU A 202 -30.46 -4.81 4.74
CA LEU A 202 -30.52 -3.67 3.85
C LEU A 202 -31.37 -2.55 4.44
N GLY A 203 -32.43 -2.91 5.16
CA GLY A 203 -33.29 -1.91 5.78
C GLY A 203 -32.59 -1.06 6.83
N SER A 204 -31.51 -1.57 7.42
CA SER A 204 -30.75 -0.78 8.38
C SER A 204 -30.11 0.45 7.76
N LEU A 205 -29.99 0.50 6.43
CA LEU A 205 -29.45 1.67 5.75
C LEU A 205 -30.53 2.63 5.25
N LEU A 206 -31.80 2.27 5.43
CA LEU A 206 -32.90 2.99 4.80
C LEU A 206 -33.64 3.86 5.80
N LYS A 207 -34.07 5.03 5.34
CA LYS A 207 -35.01 5.85 6.09
C LYS A 207 -36.32 5.09 6.31
N PRO A 208 -37.00 5.35 7.42
CA PRO A 208 -38.37 4.81 7.57
C PRO A 208 -39.26 5.36 6.46
N GLY A 209 -39.99 4.46 5.81
CA GLY A 209 -40.72 4.85 4.62
C GLY A 209 -39.86 5.00 3.38
N GLY A 210 -38.58 4.68 3.47
CA GLY A 210 -37.73 4.75 2.29
C GLY A 210 -38.05 3.67 1.28
N PHE A 211 -37.57 3.89 0.05
CA PHE A 211 -37.88 3.01 -1.06
C PHE A 211 -36.86 1.90 -1.20
N LEU A 212 -37.33 0.69 -1.49
CA LEU A 212 -36.49 -0.45 -1.77
C LEU A 212 -36.82 -0.96 -3.18
N VAL A 213 -35.82 -0.99 -4.05
CA VAL A 213 -35.97 -1.38 -5.44
C VAL A 213 -35.10 -2.61 -5.68
N ILE A 214 -35.73 -3.74 -5.93
CA ILE A 214 -35.03 -4.99 -6.21
C ILE A 214 -35.43 -5.48 -7.59
N MET A 215 -34.44 -5.92 -8.36
CA MET A 215 -34.66 -6.63 -9.61
C MET A 215 -33.75 -7.85 -9.64
N ASP A 216 -34.33 -9.01 -9.90
CA ASP A 216 -33.56 -10.26 -9.82
C ASP A 216 -34.27 -11.33 -10.62
N ALA A 217 -33.62 -12.49 -10.72
CA ALA A 217 -34.12 -13.61 -11.50
C ALA A 217 -35.11 -14.44 -10.69
N LEU A 218 -36.00 -15.11 -11.41
CA LEU A 218 -36.97 -16.01 -10.80
C LEU A 218 -36.59 -17.45 -11.09
N LYS A 219 -36.64 -18.29 -10.05
CA LYS A 219 -36.53 -19.75 -10.18
C LYS A 219 -35.21 -20.18 -10.84
N SER A 220 -34.12 -19.48 -10.54
CA SER A 220 -32.82 -19.76 -11.13
C SER A 220 -31.90 -20.40 -10.09
N SER A 221 -31.38 -21.57 -10.41
CA SER A 221 -30.47 -22.29 -9.52
C SER A 221 -29.01 -21.92 -9.74
N TYR A 222 -28.67 -21.33 -10.88
CA TYR A 222 -27.28 -20.98 -11.17
C TYR A 222 -27.25 -19.95 -12.30
N TYR A 223 -26.09 -19.32 -12.45
CA TYR A 223 -25.79 -18.53 -13.63
C TYR A 223 -24.36 -18.83 -14.06
N MET A 224 -24.08 -18.58 -15.33
CA MET A 224 -22.80 -18.91 -15.93
C MET A 224 -22.06 -17.65 -16.32
N ILE A 225 -20.74 -17.65 -16.08
CA ILE A 225 -19.83 -16.70 -16.69
C ILE A 225 -18.91 -17.51 -17.58
N GLY A 226 -19.26 -17.58 -18.87
CA GLY A 226 -18.58 -18.50 -19.74
C GLY A 226 -18.84 -19.92 -19.28
N GLU A 227 -17.78 -20.61 -18.89
CA GLU A 227 -17.87 -21.97 -18.38
C GLU A 227 -17.87 -22.06 -16.86
N GLN A 228 -17.85 -20.91 -16.17
CA GLN A 228 -17.83 -20.89 -14.72
C GLN A 228 -19.25 -20.78 -14.18
N LYS A 229 -19.63 -21.72 -13.32
CA LYS A 229 -20.97 -21.80 -12.75
C LYS A 229 -20.99 -21.26 -11.33
N PHE A 230 -21.95 -20.38 -11.05
CA PHE A 230 -22.14 -19.82 -9.71
C PHE A 230 -23.57 -20.08 -9.25
N SER A 231 -23.73 -20.26 -7.94
CA SER A 231 -25.04 -20.56 -7.38
C SER A 231 -25.97 -19.35 -7.45
N SER A 232 -27.26 -19.64 -7.61
CA SER A 232 -28.30 -18.64 -7.44
C SER A 232 -29.45 -19.29 -6.66
N LEU A 233 -30.12 -18.49 -5.85
CA LEU A 233 -31.24 -18.96 -5.04
C LEU A 233 -32.52 -18.98 -5.86
N PRO A 234 -33.09 -20.16 -6.13
CA PRO A 234 -34.27 -20.29 -7.03
C PRO A 234 -35.61 -19.93 -6.40
N LEU A 235 -35.85 -18.63 -6.24
CA LEU A 235 -37.07 -18.12 -5.64
C LEU A 235 -38.19 -17.96 -6.65
N GLY A 236 -39.41 -18.32 -6.24
CA GLY A 236 -40.61 -17.92 -6.95
C GLY A 236 -41.15 -16.59 -6.46
N ARG A 237 -42.11 -16.05 -7.22
CA ARG A 237 -42.69 -14.75 -6.88
C ARG A 237 -43.29 -14.76 -5.47
N GLU A 238 -43.96 -15.86 -5.10
CA GLU A 238 -44.57 -15.94 -3.78
C GLU A 238 -43.50 -15.88 -2.68
N ALA A 239 -42.39 -16.61 -2.87
CA ALA A 239 -41.31 -16.57 -1.89
C ALA A 239 -40.70 -15.18 -1.77
N VAL A 240 -40.47 -14.50 -2.90
CA VAL A 240 -39.93 -13.14 -2.84
C VAL A 240 -40.89 -12.23 -2.11
N GLU A 241 -42.18 -12.30 -2.45
CA GLU A 241 -43.18 -11.46 -1.80
C GLU A 241 -43.20 -11.71 -0.30
N ALA A 242 -43.17 -12.99 0.09
CA ALA A 242 -43.20 -13.33 1.51
C ALA A 242 -41.97 -12.80 2.23
N ALA A 243 -40.79 -12.96 1.62
CA ALA A 243 -39.56 -12.51 2.27
C ALA A 243 -39.52 -10.99 2.41
N VAL A 244 -40.01 -10.27 1.40
CA VAL A 244 -39.99 -8.82 1.45
C VAL A 244 -40.91 -8.32 2.56
N LYS A 245 -42.10 -8.89 2.68
CA LYS A 245 -43.03 -8.46 3.72
C LYS A 245 -42.50 -8.79 5.11
N GLU A 246 -41.95 -10.00 5.28
CA GLU A 246 -41.41 -10.39 6.58
C GLU A 246 -40.22 -9.55 6.98
N ALA A 247 -39.43 -9.08 6.01
CA ALA A 247 -38.28 -8.24 6.33
C ALA A 247 -38.67 -6.84 6.77
N GLY A 248 -39.95 -6.49 6.71
CA GLY A 248 -40.42 -5.21 7.19
C GLY A 248 -40.71 -4.18 6.11
N TYR A 249 -41.19 -4.59 4.94
CA TYR A 249 -41.52 -3.67 3.87
C TYR A 249 -42.98 -3.87 3.44
N THR A 250 -43.54 -2.83 2.82
CA THR A 250 -44.81 -2.93 2.11
C THR A 250 -44.54 -2.71 0.63
N ILE A 251 -45.09 -3.59 -0.20
CA ILE A 251 -44.81 -3.57 -1.63
C ILE A 251 -45.72 -2.57 -2.31
N GLU A 252 -45.13 -1.68 -3.11
CA GLU A 252 -45.90 -0.71 -3.88
C GLU A 252 -46.32 -1.27 -5.24
N TRP A 253 -45.38 -1.87 -5.96
CA TRP A 253 -45.74 -2.63 -7.15
C TRP A 253 -44.76 -3.77 -7.35
N PHE A 254 -45.23 -4.80 -8.04
CA PHE A 254 -44.49 -6.04 -8.25
C PHE A 254 -44.75 -6.50 -9.68
N GLU A 255 -43.70 -6.60 -10.48
CA GLU A 255 -43.82 -7.01 -11.87
C GLU A 255 -43.00 -8.27 -12.14
N VAL A 256 -43.57 -9.18 -12.93
CA VAL A 256 -42.94 -10.42 -13.33
C VAL A 256 -42.92 -10.46 -14.86
N ILE A 257 -41.74 -10.69 -15.44
CA ILE A 257 -41.61 -10.82 -16.90
C ILE A 257 -41.21 -12.24 -17.25
N SER A 258 -41.68 -12.69 -18.43
CA SER A 258 -41.37 -14.02 -18.92
C SER A 258 -39.96 -14.14 -19.49
N GLN A 259 -39.40 -13.03 -19.97
CA GLN A 259 -38.12 -13.05 -20.66
C GLN A 259 -37.03 -13.70 -19.81
N SER A 260 -36.29 -14.64 -20.41
CA SER A 260 -35.26 -15.39 -19.72
C SER A 260 -33.90 -15.11 -20.35
N TYR A 261 -32.85 -15.36 -19.56
CA TYR A 261 -31.53 -15.47 -20.14
C TYR A 261 -31.44 -16.76 -20.92
N SER A 262 -30.47 -16.82 -21.85
CA SER A 262 -30.23 -18.06 -22.57
C SER A 262 -29.88 -19.18 -21.60
N SER A 263 -30.31 -20.40 -21.92
CA SER A 263 -30.05 -21.53 -21.03
C SER A 263 -28.56 -21.74 -20.81
N THR A 264 -27.72 -21.27 -21.74
CA THR A 264 -26.27 -21.34 -21.61
C THR A 264 -25.71 -20.34 -20.61
N MET A 265 -26.48 -19.35 -20.18
CA MET A 265 -25.98 -18.33 -19.27
C MET A 265 -26.65 -18.34 -17.91
N ALA A 266 -27.97 -18.54 -17.85
CA ALA A 266 -28.67 -18.70 -16.59
C ALA A 266 -29.88 -19.60 -16.82
N ASN A 267 -30.30 -20.29 -15.76
CA ASN A 267 -31.48 -21.15 -15.82
C ASN A 267 -32.70 -20.48 -15.17
N ASN A 268 -32.80 -19.16 -15.30
CA ASN A 268 -33.93 -18.46 -14.72
C ASN A 268 -35.19 -18.69 -15.54
N GLU A 269 -36.33 -18.54 -14.87
CA GLU A 269 -37.63 -18.51 -15.53
C GLU A 269 -38.21 -17.10 -15.37
N GLY A 270 -37.63 -16.16 -16.10
CA GLY A 270 -38.06 -14.78 -16.03
C GLY A 270 -37.38 -14.00 -14.92
N LEU A 271 -37.82 -12.76 -14.76
CA LEU A 271 -37.28 -11.85 -13.77
C LEU A 271 -38.42 -11.15 -13.04
N PHE A 272 -38.11 -10.64 -11.85
CA PHE A 272 -39.05 -9.81 -11.12
C PHE A 272 -38.45 -8.44 -10.88
N SER A 273 -39.34 -7.47 -10.67
CA SER A 273 -39.00 -6.09 -10.39
C SER A 273 -39.98 -5.59 -9.35
N LEU A 274 -39.48 -5.03 -8.25
CA LEU A 274 -40.37 -4.55 -7.21
C LEU A 274 -39.88 -3.24 -6.63
N VAL A 275 -40.85 -2.43 -6.22
CA VAL A 275 -40.62 -1.25 -5.41
C VAL A 275 -41.37 -1.45 -4.10
N ALA A 276 -40.65 -1.32 -2.99
CA ALA A 276 -41.23 -1.51 -1.67
C ALA A 276 -40.86 -0.31 -0.80
N ARG A 277 -41.55 -0.18 0.33
CA ARG A 277 -41.26 0.87 1.29
C ARG A 277 -41.11 0.26 2.67
N LYS A 278 -40.17 0.80 3.45
CA LYS A 278 -39.92 0.32 4.80
C LYS A 278 -41.05 0.78 5.70
N LEU A 279 -41.73 -0.16 6.35
CA LEU A 279 -42.89 0.14 7.19
C LEU A 279 -42.54 1.00 8.40
N HIS B 10 -14.75 10.36 -2.05
CA HIS B 10 -13.68 9.38 -2.11
C HIS B 10 -12.79 9.59 -3.33
N SER B 11 -11.55 9.11 -3.24
CA SER B 11 -10.54 9.31 -4.27
C SER B 11 -10.46 8.19 -5.28
N SER B 12 -11.08 7.04 -5.01
CA SER B 12 -11.15 5.93 -5.96
C SER B 12 -9.76 5.39 -6.31
N GLY B 13 -8.87 5.34 -5.32
CA GLY B 13 -7.58 4.70 -5.49
C GLY B 13 -6.46 5.61 -5.98
N LEU B 14 -6.79 6.75 -6.58
CA LEU B 14 -5.77 7.75 -6.95
C LEU B 14 -4.81 7.99 -5.79
N VAL B 15 -5.38 8.21 -4.61
CA VAL B 15 -4.63 8.35 -3.36
C VAL B 15 -5.33 7.55 -2.29
N PRO B 16 -4.61 7.16 -1.23
CA PRO B 16 -5.24 6.35 -0.17
C PRO B 16 -6.44 7.05 0.44
N ARG B 17 -7.35 6.24 1.00
CA ARG B 17 -8.54 6.77 1.66
C ARG B 17 -8.14 7.73 2.78
N GLY B 18 -8.89 8.82 2.89
CA GLY B 18 -8.68 9.79 3.94
C GLY B 18 -7.40 10.59 3.84
N SER B 19 -6.77 10.61 2.67
CA SER B 19 -5.48 11.29 2.50
C SER B 19 -5.55 12.50 1.58
N MET B 20 -6.71 12.81 1.00
CA MET B 20 -6.76 13.76 -0.11
C MET B 20 -6.24 15.13 0.31
N GLU B 21 -6.63 15.61 1.49
CA GLU B 21 -6.20 16.93 1.92
C GLU B 21 -4.78 16.92 2.48
N SER B 22 -4.50 15.97 3.37
CA SER B 22 -3.26 16.00 4.14
C SER B 22 -2.10 15.27 3.47
N GLY B 23 -2.39 14.30 2.60
CA GLY B 23 -1.37 13.47 2.02
C GLY B 23 -1.15 12.15 2.74
N PHE B 24 -1.92 11.87 3.79
CA PHE B 24 -1.78 10.64 4.55
C PHE B 24 -3.14 10.29 5.15
N THR B 25 -3.44 8.99 5.15
CA THR B 25 -4.71 8.47 5.66
C THR B 25 -4.98 8.99 7.06
N SER B 26 -6.09 9.72 7.21
CA SER B 26 -6.49 10.21 8.53
C SER B 26 -6.78 9.03 9.46
N LYS B 27 -6.66 9.26 10.77
CA LYS B 27 -6.92 8.16 11.68
C LYS B 27 -8.41 7.86 11.83
N ASP B 28 -9.29 8.85 11.63
CA ASP B 28 -10.71 8.56 11.58
C ASP B 28 -10.99 7.45 10.57
N THR B 29 -10.19 7.37 9.50
CA THR B 29 -10.39 6.34 8.49
C THR B 29 -10.23 4.95 9.09
N TYR B 30 -9.39 4.83 10.13
CA TYR B 30 -9.22 3.55 10.80
C TYR B 30 -10.40 3.17 11.67
N LEU B 31 -11.27 4.12 12.01
CA LEU B 31 -12.51 3.79 12.69
C LEU B 31 -13.67 3.57 11.72
N SER B 32 -13.50 3.91 10.44
CA SER B 32 -14.58 3.82 9.46
C SER B 32 -14.38 2.72 8.42
N HIS B 33 -13.24 2.70 7.73
CA HIS B 33 -13.09 1.86 6.55
C HIS B 33 -12.15 0.67 6.74
N PHE B 34 -11.50 0.56 7.89
CA PHE B 34 -10.63 -0.59 8.16
C PHE B 34 -11.52 -1.70 8.71
N ASN B 35 -11.77 -2.73 7.90
CA ASN B 35 -12.59 -3.85 8.32
C ASN B 35 -11.68 -4.97 8.80
N PRO B 36 -11.66 -5.28 10.11
CA PRO B 36 -10.75 -6.32 10.60
C PRO B 36 -10.98 -7.68 9.96
N ARG B 37 -12.25 -8.03 9.72
CA ARG B 37 -12.53 -9.33 9.10
C ARG B 37 -11.97 -9.40 7.69
N ASP B 38 -12.13 -8.34 6.89
CA ASP B 38 -11.55 -8.34 5.56
C ASP B 38 -10.03 -8.33 5.59
N TYR B 39 -9.45 -7.66 6.59
CA TYR B 39 -7.99 -7.65 6.72
C TYR B 39 -7.46 -9.05 7.01
N LEU B 40 -8.09 -9.74 7.97
CA LEU B 40 -7.69 -11.10 8.29
C LEU B 40 -7.86 -12.02 7.08
N GLU B 41 -8.93 -11.84 6.30
CA GLU B 41 -9.14 -12.67 5.12
C GLU B 41 -7.99 -12.53 4.14
N LYS B 42 -7.53 -11.29 3.93
CA LYS B 42 -6.55 -11.02 2.88
C LYS B 42 -5.13 -11.39 3.29
N TYR B 43 -4.77 -11.22 4.56
CA TYR B 43 -3.39 -11.33 4.96
C TYR B 43 -3.05 -12.54 5.82
N TYR B 44 -4.02 -13.15 6.50
CA TYR B 44 -3.68 -14.11 7.55
C TYR B 44 -4.49 -15.40 7.52
N LYS B 45 -5.01 -15.80 6.37
CA LYS B 45 -5.81 -17.02 6.34
C LYS B 45 -4.93 -18.26 6.42
N PHE B 46 -3.74 -18.19 5.83
CA PHE B 46 -2.68 -19.21 5.99
C PHE B 46 -3.20 -20.54 5.45
N GLY B 47 -2.73 -21.65 6.02
CA GLY B 47 -3.02 -22.95 5.46
C GLY B 47 -2.55 -23.07 4.03
N SER B 48 -1.62 -22.19 3.64
CA SER B 48 -1.10 -22.10 2.28
C SER B 48 0.40 -22.27 2.22
N ARG B 49 1.16 -21.39 2.88
CA ARG B 49 2.61 -21.27 2.81
C ARG B 49 3.07 -20.84 1.42
N HIS B 50 2.22 -21.00 0.41
CA HIS B 50 2.60 -20.65 -0.96
C HIS B 50 2.57 -19.14 -1.20
N SER B 51 1.66 -18.42 -0.57
CA SER B 51 1.51 -16.97 -0.77
C SER B 51 2.80 -16.17 -0.57
N ALA B 52 2.84 -15.03 -1.24
CA ALA B 52 3.72 -13.99 -0.72
C ALA B 52 3.33 -13.62 0.73
N GLU B 53 2.02 -13.59 1.04
CA GLU B 53 1.59 -13.22 2.39
C GLU B 53 2.04 -14.24 3.43
N SER B 54 1.85 -15.54 3.13
CA SER B 54 2.26 -16.58 4.06
C SER B 54 3.77 -16.63 4.22
N GLN B 55 4.51 -16.36 3.15
CA GLN B 55 5.97 -16.36 3.27
C GLN B 55 6.43 -15.28 4.22
N ILE B 56 5.83 -14.10 4.14
CA ILE B 56 6.15 -13.01 5.06
C ILE B 56 5.74 -13.38 6.47
N LEU B 57 4.53 -13.91 6.63
CA LEU B 57 4.06 -14.30 7.96
C LEU B 57 4.97 -15.34 8.58
N LYS B 58 5.45 -16.30 7.78
CA LYS B 58 6.33 -17.32 8.32
C LYS B 58 7.66 -16.73 8.76
N HIS B 59 8.18 -15.75 8.02
CA HIS B 59 9.43 -15.13 8.45
C HIS B 59 9.23 -14.30 9.70
N LEU B 60 8.12 -13.56 9.78
CA LEU B 60 7.82 -12.83 11.01
C LEU B 60 7.75 -13.77 12.20
N LEU B 61 7.08 -14.91 12.04
CA LEU B 61 6.96 -15.86 13.13
C LEU B 61 8.31 -16.43 13.55
N LYS B 62 9.17 -16.75 12.58
CA LYS B 62 10.48 -17.28 12.92
C LYS B 62 11.32 -16.25 13.67
N ASN B 63 11.21 -14.99 13.28
CA ASN B 63 11.92 -13.94 14.01
C ASN B 63 11.33 -13.77 15.42
N LEU B 64 10.00 -13.74 15.52
CA LEU B 64 9.37 -13.68 16.84
C LEU B 64 9.74 -14.88 17.69
N PHE B 65 9.78 -16.06 17.08
CA PHE B 65 10.26 -17.25 17.79
C PHE B 65 11.71 -17.06 18.23
N LYS B 66 12.56 -16.53 17.35
CA LYS B 66 13.97 -16.35 17.70
C LYS B 66 14.16 -15.28 18.77
N ILE B 67 13.36 -14.21 18.73
CA ILE B 67 13.54 -13.13 19.68
C ILE B 67 13.14 -13.57 21.08
N PHE B 68 11.99 -14.24 21.20
CA PHE B 68 11.42 -14.50 22.51
C PHE B 68 11.78 -15.86 23.09
N CYS B 69 12.17 -16.82 22.26
CA CYS B 69 12.45 -18.17 22.75
C CYS B 69 13.91 -18.58 22.65
N LEU B 70 14.70 -17.96 21.79
CA LEU B 70 16.13 -18.24 21.71
C LEU B 70 17.00 -17.12 22.26
N ASP B 71 16.68 -15.87 21.95
CA ASP B 71 17.43 -14.73 22.44
C ASP B 71 17.17 -14.41 23.90
N GLY B 72 16.12 -14.97 24.51
CA GLY B 72 15.87 -14.76 25.91
C GLY B 72 15.01 -13.56 26.25
N VAL B 73 14.60 -12.77 25.25
CA VAL B 73 13.80 -11.56 25.51
C VAL B 73 12.54 -11.97 26.25
N LYS B 74 12.46 -11.61 27.53
CA LYS B 74 11.41 -12.10 28.40
C LYS B 74 11.19 -11.08 29.52
N GLY B 75 10.17 -11.33 30.33
CA GLY B 75 9.90 -10.47 31.46
C GLY B 75 8.46 -10.61 31.90
N ASP B 76 8.03 -9.63 32.72
CA ASP B 76 6.70 -9.67 33.30
C ASP B 76 5.65 -9.17 32.32
N LEU B 77 5.85 -7.98 31.79
CA LEU B 77 4.84 -7.30 30.99
C LEU B 77 5.37 -7.00 29.59
N LEU B 78 4.62 -7.42 28.58
CA LEU B 78 4.85 -7.00 27.20
C LEU B 78 3.61 -6.25 26.74
N ILE B 79 3.82 -5.09 26.11
CA ILE B 79 2.74 -4.30 25.54
C ILE B 79 2.86 -4.36 24.02
N ASP B 80 1.81 -4.84 23.37
CA ASP B 80 1.74 -4.87 21.92
C ASP B 80 1.04 -3.61 21.41
N ILE B 81 1.68 -2.92 20.47
CA ILE B 81 1.26 -1.61 20.01
C ILE B 81 0.77 -1.74 18.58
N GLY B 82 -0.50 -1.42 18.35
CA GLY B 82 -1.08 -1.60 17.03
C GLY B 82 -1.38 -3.05 16.71
N SER B 83 -1.93 -3.79 17.68
CA SER B 83 -2.20 -5.21 17.50
C SER B 83 -3.13 -5.48 16.33
N GLY B 84 -3.98 -4.52 15.99
CA GLY B 84 -5.04 -4.73 15.04
C GLY B 84 -5.90 -5.89 15.51
N PRO B 85 -6.34 -6.72 14.57
CA PRO B 85 -7.11 -7.91 14.96
C PRO B 85 -6.29 -9.19 14.95
N THR B 86 -4.96 -9.08 15.02
CA THR B 86 -4.09 -10.24 14.88
C THR B 86 -3.48 -10.63 16.23
N ILE B 87 -3.19 -11.92 16.36
CA ILE B 87 -2.51 -12.46 17.54
C ILE B 87 -1.26 -13.25 17.19
N TYR B 88 -0.94 -13.42 15.90
CA TYR B 88 0.23 -14.19 15.52
C TYR B 88 1.49 -13.66 16.19
N GLN B 89 1.58 -12.34 16.34
CA GLN B 89 2.76 -11.70 16.90
C GLN B 89 2.93 -11.96 18.38
N LEU B 90 2.00 -12.69 19.00
CA LEU B 90 2.04 -12.96 20.43
C LEU B 90 2.24 -14.42 20.79
N LEU B 91 2.19 -15.33 19.80
CA LEU B 91 2.16 -16.76 20.11
C LEU B 91 3.45 -17.20 20.80
N SER B 92 4.61 -16.79 20.27
CA SER B 92 5.85 -17.16 20.92
C SER B 92 6.11 -16.30 22.16
N ALA B 93 5.67 -15.04 22.15
CA ALA B 93 5.88 -14.17 23.29
C ALA B 93 5.14 -14.65 24.53
N CYS B 94 3.99 -15.31 24.35
CA CYS B 94 3.27 -15.87 25.49
C CYS B 94 4.14 -16.83 26.32
N GLU B 95 5.15 -17.44 25.72
CA GLU B 95 6.02 -18.37 26.45
C GLU B 95 7.04 -17.67 27.33
N SER B 96 7.35 -16.40 27.07
CA SER B 96 8.38 -15.69 27.82
C SER B 96 7.87 -14.46 28.56
N PHE B 97 6.58 -14.16 28.49
CA PHE B 97 6.01 -13.02 29.19
C PHE B 97 4.78 -13.46 29.96
N LYS B 98 4.74 -13.14 31.26
CA LYS B 98 3.61 -13.51 32.10
C LYS B 98 2.34 -12.79 31.66
N GLU B 99 2.45 -11.48 31.41
CA GLU B 99 1.30 -10.66 31.05
C GLU B 99 1.55 -9.97 29.71
N ILE B 100 0.53 -9.98 28.86
CA ILE B 100 0.55 -9.32 27.56
C ILE B 100 -0.61 -8.34 27.51
N VAL B 101 -0.36 -7.12 27.06
CA VAL B 101 -1.40 -6.13 26.83
C VAL B 101 -1.48 -5.87 25.33
N VAL B 102 -2.66 -6.04 24.75
CA VAL B 102 -2.89 -5.78 23.34
C VAL B 102 -3.59 -4.45 23.20
N THR B 103 -3.16 -3.66 22.21
CA THR B 103 -3.65 -2.30 22.02
C THR B 103 -3.84 -2.02 20.54
N ASP B 104 -4.79 -1.14 20.24
CA ASP B 104 -4.97 -0.66 18.87
C ASP B 104 -5.81 0.61 18.88
N TYR B 105 -5.68 1.38 17.79
CA TYR B 105 -6.47 2.60 17.67
C TYR B 105 -7.90 2.31 17.20
N SER B 106 -8.11 1.22 16.48
CA SER B 106 -9.39 0.93 15.86
C SER B 106 -10.26 0.12 16.81
N ASP B 107 -11.46 0.62 17.09
CA ASP B 107 -12.40 -0.11 17.93
C ASP B 107 -12.81 -1.43 17.29
N GLN B 108 -13.03 -1.44 15.97
CA GLN B 108 -13.40 -2.68 15.30
C GLN B 108 -12.33 -3.74 15.49
N ASN B 109 -11.05 -3.36 15.43
CA ASN B 109 -9.98 -4.32 15.61
C ASN B 109 -9.99 -4.90 17.03
N LEU B 110 -10.15 -4.04 18.03
CA LEU B 110 -10.18 -4.51 19.41
C LEU B 110 -11.37 -5.45 19.64
N GLN B 111 -12.53 -5.13 19.05
CA GLN B 111 -13.67 -6.03 19.14
C GLN B 111 -13.34 -7.40 18.56
N GLU B 112 -12.74 -7.42 17.37
CA GLU B 112 -12.35 -8.69 16.76
C GLU B 112 -11.38 -9.45 17.64
N LEU B 113 -10.47 -8.73 18.31
CA LEU B 113 -9.56 -9.36 19.26
C LEU B 113 -10.31 -9.97 20.42
N GLU B 114 -11.23 -9.21 21.01
CA GLU B 114 -11.96 -9.69 22.17
C GLU B 114 -12.82 -10.91 21.83
N LYS B 115 -13.27 -11.01 20.58
CA LYS B 115 -14.01 -12.20 20.15
C LYS B 115 -13.14 -13.44 20.24
N TRP B 116 -11.90 -13.35 19.75
CA TRP B 116 -11.01 -14.51 19.80
C TRP B 116 -10.57 -14.81 21.22
N LEU B 117 -10.41 -13.79 22.06
CA LEU B 117 -10.02 -14.03 23.44
C LEU B 117 -11.12 -14.74 24.21
N LYS B 118 -12.38 -14.41 23.94
CA LYS B 118 -13.51 -15.14 24.50
C LYS B 118 -13.73 -16.49 23.82
N ALA B 119 -12.99 -16.76 22.74
CA ALA B 119 -13.17 -17.96 21.92
C ALA B 119 -14.59 -18.05 21.37
N ALA B 120 -15.13 -16.92 20.95
CA ALA B 120 -16.44 -16.93 20.33
C ALA B 120 -16.39 -17.67 19.00
N PRO B 121 -17.42 -18.45 18.66
CA PRO B 121 -17.39 -19.23 17.42
C PRO B 121 -17.25 -18.39 16.17
N ALA B 122 -17.71 -17.14 16.19
CA ALA B 122 -17.55 -16.28 15.02
C ALA B 122 -16.14 -15.73 14.88
N ALA B 123 -15.26 -15.95 15.85
CA ALA B 123 -13.92 -15.39 15.81
C ALA B 123 -13.10 -16.01 14.67
N PHE B 124 -12.05 -15.30 14.29
CA PHE B 124 -11.17 -15.75 13.24
C PHE B 124 -10.41 -17.00 13.67
N ASP B 125 -10.14 -17.88 12.70
CA ASP B 125 -9.48 -19.15 12.96
C ASP B 125 -7.98 -18.98 12.79
N TRP B 126 -7.25 -18.93 13.90
CA TRP B 126 -5.80 -18.84 13.89
C TRP B 126 -5.12 -20.21 13.96
N SER B 127 -5.89 -21.30 13.93
CA SER B 127 -5.38 -22.65 14.09
C SER B 127 -4.16 -22.98 13.24
N PRO B 128 -4.13 -22.73 11.93
CA PRO B 128 -2.92 -23.11 11.17
C PRO B 128 -1.70 -22.27 11.55
N VAL B 129 -1.89 -21.00 11.89
CA VAL B 129 -0.79 -20.21 12.42
C VAL B 129 -0.34 -20.75 13.77
N VAL B 130 -1.30 -21.15 14.62
CA VAL B 130 -0.97 -21.68 15.93
C VAL B 130 -0.14 -22.96 15.79
N THR B 131 -0.59 -23.87 14.92
CA THR B 131 0.12 -25.12 14.70
C THR B 131 1.56 -24.89 14.24
N TYR B 132 1.76 -23.92 13.34
CA TYR B 132 3.10 -23.62 12.87
C TYR B 132 4.00 -23.17 14.01
N VAL B 133 3.48 -22.34 14.91
CA VAL B 133 4.31 -21.82 16.00
C VAL B 133 4.70 -22.94 16.97
N CYS B 134 3.78 -23.88 17.23
CA CYS B 134 4.14 -24.98 18.12
C CYS B 134 5.17 -25.91 17.49
N ASP B 135 5.18 -26.00 16.16
CA ASP B 135 6.23 -26.77 15.50
C ASP B 135 7.58 -26.07 15.60
N LEU B 136 7.56 -24.73 15.57
CA LEU B 136 8.80 -23.99 15.79
C LEU B 136 9.33 -24.21 17.20
N GLU B 137 8.44 -24.42 18.16
CA GLU B 137 8.82 -24.56 19.56
C GLU B 137 9.01 -26.01 19.98
N GLY B 138 9.13 -26.92 19.02
CA GLY B 138 9.44 -28.31 19.30
C GLY B 138 8.26 -29.21 19.55
N ASN B 139 7.04 -28.77 19.23
CA ASN B 139 5.83 -29.56 19.43
C ASN B 139 5.69 -30.04 20.88
N ARG B 140 6.12 -29.21 21.82
CA ARG B 140 5.91 -29.53 23.24
C ARG B 140 4.43 -29.60 23.58
N VAL B 141 3.62 -28.73 22.96
CA VAL B 141 2.18 -28.72 23.13
C VAL B 141 1.54 -28.78 21.74
N LYS B 142 0.22 -28.84 21.73
CA LYS B 142 -0.54 -28.78 20.49
C LYS B 142 -1.34 -27.48 20.47
N GLY B 143 -2.05 -27.28 19.37
CA GLY B 143 -2.69 -26.02 19.07
C GLY B 143 -3.58 -25.47 20.16
N PRO B 144 -4.62 -26.24 20.55
CA PRO B 144 -5.57 -25.72 21.55
C PRO B 144 -4.92 -25.33 22.86
N GLU B 145 -3.96 -26.11 23.34
CA GLU B 145 -3.28 -25.77 24.58
C GLU B 145 -2.47 -24.49 24.42
N LYS B 146 -1.87 -24.30 23.24
CA LYS B 146 -1.12 -23.07 22.97
C LYS B 146 -2.04 -21.86 22.99
N GLU B 147 -3.17 -21.96 22.30
CA GLU B 147 -4.12 -20.85 22.25
C GLU B 147 -4.59 -20.47 23.64
N GLU B 148 -4.87 -21.45 24.49
CA GLU B 148 -5.38 -21.16 25.82
C GLU B 148 -4.32 -20.45 26.67
N LYS B 149 -3.06 -20.83 26.52
CA LYS B 149 -1.99 -20.14 27.24
C LYS B 149 -1.89 -18.69 26.80
N LEU B 150 -2.05 -18.43 25.50
CA LEU B 150 -2.03 -17.05 25.02
C LEU B 150 -3.26 -16.29 25.51
N ARG B 151 -4.44 -16.92 25.42
CA ARG B 151 -5.66 -16.25 25.87
C ARG B 151 -5.58 -15.87 27.34
N GLN B 152 -4.92 -16.71 28.15
CA GLN B 152 -4.77 -16.40 29.56
C GLN B 152 -3.71 -15.31 29.79
N ALA B 153 -2.75 -15.18 28.88
CA ALA B 153 -1.70 -14.17 29.03
C ALA B 153 -2.19 -12.77 28.72
N VAL B 154 -3.14 -12.63 27.80
CA VAL B 154 -3.62 -11.31 27.38
C VAL B 154 -4.54 -10.79 28.49
N LYS B 155 -4.03 -9.86 29.29
CA LYS B 155 -4.75 -9.34 30.45
C LYS B 155 -5.51 -8.06 30.16
N GLN B 156 -5.10 -7.30 29.16
CA GLN B 156 -5.75 -6.04 28.85
C GLN B 156 -5.88 -5.86 27.34
N VAL B 157 -7.01 -5.29 26.93
CA VAL B 157 -7.27 -4.91 25.56
C VAL B 157 -7.55 -3.41 25.59
N LEU B 158 -6.59 -2.60 25.14
CA LEU B 158 -6.61 -1.17 25.39
C LEU B 158 -6.67 -0.38 24.10
N LYS B 159 -7.35 0.77 24.16
CA LYS B 159 -7.29 1.74 23.09
C LYS B 159 -5.91 2.41 23.06
N CYS B 160 -5.39 2.64 21.86
CA CYS B 160 -4.03 3.14 21.71
C CYS B 160 -3.98 4.19 20.61
N ASP B 161 -3.12 5.19 20.81
CA ASP B 161 -2.82 6.19 19.79
C ASP B 161 -1.34 6.54 19.92
N VAL B 162 -0.53 6.07 18.96
CA VAL B 162 0.91 6.25 19.04
C VAL B 162 1.32 7.71 18.91
N THR B 163 0.45 8.57 18.37
CA THR B 163 0.80 9.96 18.17
C THR B 163 0.67 10.80 19.44
N GLN B 164 0.18 10.24 20.54
CA GLN B 164 -0.04 10.96 21.77
C GLN B 164 1.08 10.69 22.78
N SER B 165 1.40 11.72 23.57
CA SER B 165 2.43 11.58 24.60
C SER B 165 2.14 10.39 25.51
N GLN B 166 0.87 10.21 25.87
CA GLN B 166 0.42 9.01 26.57
C GLN B 166 -0.31 8.13 25.58
N PRO B 167 0.34 7.15 24.95
CA PRO B 167 -0.34 6.37 23.91
C PRO B 167 -1.55 5.61 24.41
N LEU B 168 -1.53 5.18 25.67
CA LEU B 168 -2.66 4.46 26.26
C LEU B 168 -3.55 5.37 27.09
N GLY B 169 -3.41 6.69 26.96
CA GLY B 169 -4.21 7.60 27.74
C GLY B 169 -3.85 7.53 29.22
N ALA B 170 -4.88 7.50 30.06
CA ALA B 170 -4.70 7.52 31.50
C ALA B 170 -4.65 6.13 32.11
N VAL B 171 -4.65 5.08 31.30
CA VAL B 171 -4.62 3.72 31.82
C VAL B 171 -3.27 3.47 32.49
N PRO B 172 -3.26 3.18 33.79
CA PRO B 172 -1.98 2.95 34.48
C PRO B 172 -1.48 1.54 34.25
N LEU B 173 -0.22 1.42 33.90
CA LEU B 173 0.45 0.15 33.73
C LEU B 173 1.81 0.21 34.39
N PRO B 174 2.31 -0.90 34.91
CA PRO B 174 3.71 -0.93 35.31
C PRO B 174 4.59 -0.72 34.11
N PRO B 175 5.80 -0.18 34.29
CA PRO B 175 6.76 -0.11 33.19
C PRO B 175 6.97 -1.49 32.58
N ALA B 176 6.80 -1.57 31.26
CA ALA B 176 6.89 -2.85 30.57
C ALA B 176 8.34 -3.26 30.41
N ASP B 177 8.56 -4.58 30.35
CA ASP B 177 9.87 -5.10 30.02
C ASP B 177 10.15 -5.08 28.53
N CYS B 178 9.11 -5.05 27.70
CA CYS B 178 9.31 -5.02 26.26
C CYS B 178 8.08 -4.42 25.60
N VAL B 179 8.30 -3.67 24.53
CA VAL B 179 7.23 -3.13 23.69
C VAL B 179 7.40 -3.73 22.30
N LEU B 180 6.34 -4.35 21.79
CA LEU B 180 6.35 -5.01 20.50
C LEU B 180 5.42 -4.25 19.56
N SER B 181 5.80 -4.18 18.29
CA SER B 181 4.99 -3.47 17.29
C SER B 181 5.24 -4.07 15.92
N THR B 182 4.23 -4.73 15.36
CA THR B 182 4.33 -5.35 14.04
C THR B 182 3.41 -4.62 13.07
N LEU B 183 3.99 -4.06 12.01
CA LEU B 183 3.24 -3.52 10.88
C LEU B 183 2.34 -2.36 11.27
N CYS B 184 2.72 -1.59 12.29
CA CYS B 184 1.85 -0.51 12.75
C CYS B 184 2.41 0.88 12.53
N LEU B 185 3.71 1.09 12.75
CA LEU B 185 4.24 2.45 12.74
C LEU B 185 4.20 3.07 11.34
N ASP B 186 4.47 2.28 10.31
CA ASP B 186 4.34 2.78 8.94
C ASP B 186 2.92 3.24 8.64
N ALA B 187 1.93 2.52 9.18
CA ALA B 187 0.54 2.86 8.93
C ALA B 187 0.07 4.05 9.75
N ALA B 188 0.66 4.27 10.92
CA ALA B 188 0.15 5.25 11.89
C ALA B 188 0.81 6.62 11.81
N CYS B 189 2.03 6.74 11.30
CA CYS B 189 2.77 7.99 11.38
C CYS B 189 2.88 8.62 9.99
N PRO B 190 2.29 9.79 9.76
CA PRO B 190 2.34 10.38 8.40
C PRO B 190 3.69 10.92 7.98
N ASP B 191 4.61 11.19 8.92
CA ASP B 191 5.93 11.67 8.52
C ASP B 191 6.97 11.16 9.52
N LEU B 192 8.22 11.38 9.16
CA LEU B 192 9.36 10.92 9.95
C LEU B 192 9.42 11.59 11.32
N PRO B 193 9.15 12.90 11.44
CA PRO B 193 9.09 13.48 12.79
C PRO B 193 8.02 12.86 13.67
N THR B 194 6.82 12.63 13.14
CA THR B 194 5.80 11.93 13.92
C THR B 194 6.26 10.52 14.26
N TYR B 195 6.86 9.82 13.30
CA TYR B 195 7.37 8.48 13.52
C TYR B 195 8.36 8.43 14.68
N CYS B 196 9.37 9.32 14.64
CA CYS B 196 10.35 9.35 15.73
C CYS B 196 9.70 9.77 17.03
N ARG B 197 8.74 10.69 16.96
CA ARG B 197 7.98 11.05 18.15
CA ARG B 197 7.96 11.06 18.14
C ARG B 197 7.17 9.87 18.67
N ALA B 198 6.57 9.09 17.77
CA ALA B 198 5.83 7.90 18.18
C ALA B 198 6.73 6.91 18.91
N LEU B 199 7.95 6.74 18.42
CA LEU B 199 8.89 5.84 19.09
C LEU B 199 9.22 6.35 20.50
N ARG B 200 9.28 7.66 20.68
CA ARG B 200 9.50 8.20 22.03
C ARG B 200 8.29 7.96 22.90
N ASN B 201 7.09 8.16 22.35
CA ASN B 201 5.86 7.89 23.10
C ASN B 201 5.83 6.44 23.59
N LEU B 202 6.23 5.50 22.73
CA LEU B 202 6.27 4.10 23.14
C LEU B 202 7.25 3.89 24.29
N GLY B 203 8.36 4.63 24.29
CA GLY B 203 9.34 4.50 25.36
C GLY B 203 8.82 4.90 26.72
N SER B 204 7.78 5.75 26.78
CA SER B 204 7.17 6.12 28.05
C SER B 204 6.53 4.94 28.75
N LEU B 205 6.28 3.84 28.05
CA LEU B 205 5.74 2.63 28.64
C LEU B 205 6.81 1.61 29.02
N LEU B 206 8.08 1.89 28.70
CA LEU B 206 9.14 0.90 28.81
C LEU B 206 10.01 1.15 30.03
N LYS B 207 10.43 0.06 30.68
CA LYS B 207 11.47 0.14 31.67
C LYS B 207 12.76 0.64 31.03
N PRO B 208 13.61 1.35 31.79
CA PRO B 208 14.94 1.67 31.27
C PRO B 208 15.71 0.38 30.98
N GLY B 209 16.31 0.31 29.80
CA GLY B 209 16.88 -0.92 29.33
C GLY B 209 15.88 -1.94 28.83
N GLY B 210 14.59 -1.59 28.78
CA GLY B 210 13.62 -2.50 28.22
C GLY B 210 13.78 -2.65 26.72
N PHE B 211 13.21 -3.73 26.20
CA PHE B 211 13.39 -4.07 24.80
C PHE B 211 12.30 -3.46 23.93
N LEU B 212 12.70 -2.99 22.75
CA LEU B 212 11.77 -2.51 21.73
C LEU B 212 11.92 -3.40 20.51
N VAL B 213 10.83 -4.03 20.10
CA VAL B 213 10.83 -4.96 18.98
C VAL B 213 9.87 -4.41 17.94
N ILE B 214 10.41 -3.97 16.80
CA ILE B 214 9.62 -3.44 15.71
C ILE B 214 9.83 -4.30 14.48
N MET B 215 8.74 -4.64 13.81
CA MET B 215 8.78 -5.28 12.50
C MET B 215 7.80 -4.54 11.60
N ASP B 216 8.26 -4.09 10.44
CA ASP B 216 7.42 -3.26 9.59
C ASP B 216 7.95 -3.33 8.16
N ALA B 217 7.21 -2.69 7.26
CA ALA B 217 7.54 -2.69 5.84
C ALA B 217 8.59 -1.64 5.52
N LEU B 218 9.34 -1.89 4.45
CA LEU B 218 10.35 -0.95 3.96
C LEU B 218 9.86 -0.29 2.68
N LYS B 219 10.02 1.04 2.61
CA LYS B 219 9.82 1.78 1.37
C LYS B 219 8.41 1.60 0.81
N SER B 220 7.42 1.55 1.71
CA SER B 220 6.04 1.27 1.35
C SER B 220 5.21 2.55 1.43
N SER B 221 4.58 2.91 0.31
CA SER B 221 3.74 4.10 0.24
C SER B 221 2.29 3.84 0.63
N TYR B 222 1.83 2.59 0.53
CA TYR B 222 0.44 2.26 0.83
C TYR B 222 0.33 0.75 1.03
N TYR B 223 -0.79 0.34 1.60
CA TYR B 223 -1.16 -1.07 1.62
C TYR B 223 -2.64 -1.19 1.29
N MET B 224 -3.02 -2.36 0.77
CA MET B 224 -4.36 -2.59 0.27
C MET B 224 -5.08 -3.61 1.15
N ILE B 225 -6.36 -3.36 1.42
CA ILE B 225 -7.28 -4.36 1.93
C ILE B 225 -8.33 -4.54 0.85
N GLY B 226 -8.13 -5.54 0.00
CA GLY B 226 -8.96 -5.67 -1.19
C GLY B 226 -8.73 -4.46 -2.08
N GLU B 227 -9.80 -3.68 -2.28
CA GLU B 227 -9.73 -2.47 -3.10
C GLU B 227 -9.57 -1.21 -2.26
N GLN B 228 -9.47 -1.32 -0.95
CA GLN B 228 -9.32 -0.16 -0.08
C GLN B 228 -7.84 0.11 0.16
N LYS B 229 -7.40 1.32 -0.18
CA LYS B 229 -6.01 1.71 -0.08
C LYS B 229 -5.80 2.58 1.15
N PHE B 230 -4.77 2.26 1.93
CA PHE B 230 -4.41 3.01 3.12
C PHE B 230 -2.96 3.46 3.03
N SER B 231 -2.68 4.63 3.63
CA SER B 231 -1.34 5.20 3.54
C SER B 231 -0.32 4.40 4.33
N SER B 232 0.91 4.41 3.84
CA SER B 232 2.06 3.86 4.54
C SER B 232 3.21 4.85 4.42
N LEU B 233 4.03 4.90 5.47
CA LEU B 233 5.18 5.80 5.49
C LEU B 233 6.36 5.10 4.82
N PRO B 234 6.83 5.57 3.66
CA PRO B 234 7.89 4.85 2.90
C PRO B 234 9.30 5.09 3.43
N LEU B 235 9.61 4.45 4.55
CA LEU B 235 10.90 4.58 5.19
C LEU B 235 11.91 3.59 4.63
N GLY B 236 13.16 4.06 4.43
CA GLY B 236 14.27 3.18 4.23
C GLY B 236 14.92 2.78 5.55
N ARG B 237 15.77 1.76 5.48
CA ARG B 237 16.43 1.26 6.70
C ARG B 237 17.21 2.35 7.42
N GLU B 238 17.88 3.24 6.67
CA GLU B 238 18.66 4.30 7.31
C GLU B 238 17.76 5.22 8.12
N ALA B 239 16.62 5.62 7.54
CA ALA B 239 15.68 6.46 8.26
C ALA B 239 15.14 5.77 9.51
N VAL B 240 14.80 4.48 9.39
CA VAL B 240 14.35 3.73 10.56
C VAL B 240 15.43 3.72 11.64
N GLU B 241 16.66 3.40 11.23
CA GLU B 241 17.78 3.37 12.16
C GLU B 241 17.97 4.74 12.82
N ALA B 242 17.92 5.80 12.02
CA ALA B 242 18.10 7.15 12.55
C ALA B 242 16.97 7.51 13.52
N ALA B 243 15.73 7.18 13.16
CA ALA B 243 14.60 7.52 14.01
C ALA B 243 14.65 6.75 15.33
N VAL B 244 15.04 5.48 15.26
CA VAL B 244 15.10 4.67 16.49
C VAL B 244 16.16 5.22 17.43
N LYS B 245 17.34 5.57 16.91
CA LYS B 245 18.39 6.12 17.77
C LYS B 245 17.98 7.49 18.31
N GLU B 246 17.39 8.33 17.47
CA GLU B 246 16.97 9.66 17.92
C GLU B 246 15.90 9.58 18.99
N ALA B 247 15.05 8.55 18.93
CA ALA B 247 14.01 8.38 19.94
C ALA B 247 14.56 7.90 21.28
N GLY B 248 15.84 7.59 21.36
CA GLY B 248 16.47 7.21 22.61
C GLY B 248 16.71 5.73 22.81
N TYR B 249 16.99 4.99 21.75
CA TYR B 249 17.26 3.57 21.85
C TYR B 249 18.63 3.25 21.26
N THR B 250 19.19 2.13 21.68
CA THR B 250 20.37 1.55 21.05
C THR B 250 19.96 0.22 20.42
N ILE B 251 20.34 0.03 19.16
CA ILE B 251 19.87 -1.13 18.40
C ILE B 251 20.76 -2.33 18.70
N GLU B 252 20.14 -3.45 19.04
CA GLU B 252 20.88 -4.68 19.31
C GLU B 252 21.10 -5.49 18.05
N TRP B 253 20.05 -5.68 17.25
CA TRP B 253 20.24 -6.24 15.93
C TRP B 253 19.17 -5.70 15.00
N PHE B 254 19.49 -5.67 13.71
CA PHE B 254 18.64 -5.07 12.69
C PHE B 254 18.71 -5.97 11.47
N GLU B 255 17.57 -6.49 11.04
CA GLU B 255 17.52 -7.38 9.89
C GLU B 255 16.64 -6.79 8.81
N VAL B 256 17.08 -6.95 7.57
CA VAL B 256 16.33 -6.51 6.40
C VAL B 256 16.17 -7.73 5.50
N ILE B 257 14.93 -8.04 5.13
CA ILE B 257 14.67 -9.12 4.19
C ILE B 257 14.12 -8.52 2.91
N SER B 258 14.44 -9.16 1.79
CA SER B 258 13.98 -8.70 0.48
C SER B 258 12.54 -9.08 0.19
N GLN B 259 12.04 -10.15 0.82
CA GLN B 259 10.71 -10.65 0.53
C GLN B 259 9.65 -9.56 0.70
N SER B 260 8.81 -9.40 -0.32
CA SER B 260 7.80 -8.36 -0.36
C SER B 260 6.41 -9.00 -0.44
N TYR B 261 5.40 -8.23 -0.04
CA TYR B 261 4.04 -8.60 -0.37
C TYR B 261 3.83 -8.44 -1.87
N SER B 262 2.84 -9.15 -2.40
CA SER B 262 2.49 -8.92 -3.79
C SER B 262 2.08 -7.46 -3.96
N SER B 263 2.47 -6.87 -5.09
CA SER B 263 2.18 -5.47 -5.34
C SER B 263 0.70 -5.16 -5.32
N THR B 264 -0.16 -6.17 -5.51
CA THR B 264 -1.59 -5.97 -5.41
C THR B 264 -2.05 -5.73 -3.98
N MET B 265 -1.20 -5.99 -2.98
CA MET B 265 -1.58 -5.83 -1.58
C MET B 265 -0.79 -4.74 -0.86
N ALA B 266 0.53 -4.68 -1.08
CA ALA B 266 1.34 -3.61 -0.52
C ALA B 266 2.50 -3.34 -1.46
N ASN B 267 2.99 -2.10 -1.46
CA ASN B 267 4.11 -1.70 -2.31
C ASN B 267 5.42 -1.64 -1.55
N ASN B 268 5.62 -2.53 -0.58
CA ASN B 268 6.86 -2.54 0.16
C ASN B 268 8.01 -3.11 -0.67
N GLU B 269 9.22 -2.75 -0.29
CA GLU B 269 10.43 -3.37 -0.80
C GLU B 269 11.11 -4.12 0.34
N GLY B 270 10.48 -5.22 0.73
CA GLY B 270 10.98 -5.99 1.85
C GLY B 270 10.46 -5.48 3.18
N LEU B 271 10.97 -6.11 4.24
CA LEU B 271 10.57 -5.77 5.60
C LEU B 271 11.82 -5.68 6.47
N PHE B 272 11.69 -4.98 7.59
CA PHE B 272 12.76 -4.95 8.57
C PHE B 272 12.27 -5.49 9.90
N SER B 273 13.24 -5.94 10.71
CA SER B 273 13.01 -6.45 12.05
C SER B 273 14.15 -5.95 12.92
N LEU B 274 13.82 -5.33 14.06
CA LEU B 274 14.86 -4.83 14.93
C LEU B 274 14.50 -5.11 16.39
N VAL B 275 15.55 -5.33 17.17
CA VAL B 275 15.48 -5.35 18.63
C VAL B 275 16.35 -4.21 19.12
N ALA B 276 15.78 -3.34 19.95
CA ALA B 276 16.49 -2.20 20.49
C ALA B 276 16.29 -2.18 22.01
N ARG B 277 17.10 -1.37 22.68
CA ARG B 277 16.98 -1.19 24.12
C ARG B 277 16.91 0.29 24.45
N LYS B 278 16.08 0.63 25.42
CA LYS B 278 15.94 2.01 25.85
C LYS B 278 17.17 2.42 26.65
N LEU B 279 17.85 3.47 26.20
CA LEU B 279 19.09 3.93 26.82
C LEU B 279 18.89 4.39 28.27
N PHE C 24 -21.30 20.40 -3.09
CA PHE C 24 -20.37 21.20 -3.89
C PHE C 24 -21.14 22.10 -4.85
N THR C 25 -20.64 23.33 -5.02
CA THR C 25 -21.27 24.31 -5.89
C THR C 25 -21.46 23.76 -7.29
N SER C 26 -22.71 23.55 -7.67
CA SER C 26 -23.02 23.13 -9.03
C SER C 26 -22.67 24.23 -10.03
N LYS C 27 -22.65 23.85 -11.29
CA LYS C 27 -22.36 24.81 -12.34
C LYS C 27 -23.45 25.85 -12.55
N ASP C 28 -24.69 25.67 -12.07
CA ASP C 28 -25.71 26.73 -12.25
C ASP C 28 -25.14 28.04 -11.82
N THR C 29 -24.64 28.00 -10.58
CA THR C 29 -24.41 29.17 -9.76
C THR C 29 -23.32 30.02 -10.34
N TYR C 30 -22.42 29.42 -11.09
CA TYR C 30 -21.42 30.23 -11.76
C TYR C 30 -22.07 31.08 -12.84
N LEU C 31 -23.24 30.66 -13.32
CA LEU C 31 -24.07 31.49 -14.17
C LEU C 31 -25.11 32.28 -13.40
N SER C 32 -25.30 32.01 -12.11
CA SER C 32 -26.32 32.69 -11.31
C SER C 32 -25.73 33.65 -10.29
N HIS C 33 -24.81 33.20 -9.44
CA HIS C 33 -24.36 34.01 -8.31
C HIS C 33 -22.92 34.48 -8.42
N PHE C 34 -22.17 34.08 -9.45
CA PHE C 34 -20.80 34.55 -9.62
C PHE C 34 -20.84 35.89 -10.36
N ASN C 35 -20.56 36.97 -9.65
CA ASN C 35 -20.54 38.30 -10.24
C ASN C 35 -19.10 38.64 -10.61
N PRO C 36 -18.75 38.66 -11.89
CA PRO C 36 -17.35 38.92 -12.26
C PRO C 36 -16.81 40.28 -11.82
N ARG C 37 -17.63 41.33 -11.89
CA ARG C 37 -17.17 42.65 -11.48
C ARG C 37 -16.84 42.68 -10.00
N ASP C 38 -17.67 42.03 -9.17
CA ASP C 38 -17.38 41.95 -7.75
C ASP C 38 -16.14 41.11 -7.49
N TYR C 39 -15.91 40.08 -8.32
CA TYR C 39 -14.72 39.24 -8.15
C TYR C 39 -13.46 40.03 -8.46
N LEU C 40 -13.44 40.73 -9.60
CA LEU C 40 -12.28 41.55 -9.94
C LEU C 40 -12.04 42.63 -8.89
N GLU C 41 -13.11 43.28 -8.42
CA GLU C 41 -12.93 44.32 -7.40
C GLU C 41 -12.37 43.77 -6.09
N LYS C 42 -12.80 42.59 -5.66
CA LYS C 42 -12.29 42.10 -4.39
C LYS C 42 -10.90 41.46 -4.51
N TYR C 43 -10.55 40.87 -5.66
CA TYR C 43 -9.35 40.05 -5.77
C TYR C 43 -8.21 40.67 -6.58
N TYR C 44 -8.48 41.64 -7.46
CA TYR C 44 -7.43 42.03 -8.41
C TYR C 44 -7.26 43.53 -8.62
N LYS C 45 -7.66 44.38 -7.67
CA LYS C 45 -7.52 45.81 -7.95
C LYS C 45 -6.10 46.32 -7.72
N PHE C 46 -5.32 45.71 -6.82
CA PHE C 46 -3.86 45.91 -6.78
C PHE C 46 -3.47 47.35 -6.42
N GLY C 47 -3.98 47.85 -5.29
CA GLY C 47 -3.73 49.23 -4.90
C GLY C 47 -2.31 49.50 -4.42
N SER C 48 -2.10 49.29 -3.13
CA SER C 48 -0.80 49.40 -2.47
C SER C 48 -0.96 48.95 -1.03
N ARG C 49 -1.82 47.97 -0.79
CA ARG C 49 -2.17 47.55 0.56
C ARG C 49 -1.40 46.39 1.15
N HIS C 50 -0.42 45.81 0.47
CA HIS C 50 0.34 44.75 1.12
C HIS C 50 -0.57 43.62 1.58
N SER C 51 -1.75 43.58 0.95
CA SER C 51 -2.79 42.59 1.13
C SER C 51 -2.30 41.19 0.83
N ALA C 52 -2.96 40.22 1.47
CA ALA C 52 -2.81 38.83 1.09
C ALA C 52 -3.13 38.63 -0.40
N GLU C 53 -4.14 39.34 -0.92
CA GLU C 53 -4.52 39.17 -2.31
C GLU C 53 -3.41 39.62 -3.27
N SER C 54 -2.86 40.82 -3.04
CA SER C 54 -1.85 41.34 -3.95
C SER C 54 -0.56 40.55 -3.86
N GLN C 55 -0.20 40.07 -2.66
CA GLN C 55 1.02 39.26 -2.54
C GLN C 55 0.89 37.96 -3.33
N ILE C 56 -0.29 37.32 -3.28
CA ILE C 56 -0.50 36.11 -4.07
C ILE C 56 -0.42 36.42 -5.56
N LEU C 57 -1.09 37.49 -5.99
CA LEU C 57 -1.06 37.86 -7.40
C LEU C 57 0.35 38.14 -7.87
N LYS C 58 1.17 38.80 -7.03
CA LYS C 58 2.53 39.11 -7.44
C LYS C 58 3.35 37.84 -7.62
N HIS C 59 3.14 36.84 -6.77
CA HIS C 59 3.87 35.59 -6.94
C HIS C 59 3.41 34.86 -8.19
N LEU C 60 2.11 34.84 -8.45
CA LEU C 60 1.60 34.26 -9.69
C LEU C 60 2.23 34.92 -10.91
N LEU C 61 2.32 36.26 -10.89
CA LEU C 61 2.90 36.97 -12.02
C LEU C 61 4.37 36.62 -12.21
N LYS C 62 5.12 36.52 -11.10
CA LYS C 62 6.53 36.16 -11.19
C LYS C 62 6.71 34.74 -11.72
N ASN C 63 5.83 33.82 -11.33
CA ASN C 63 5.93 32.45 -11.84
C ASN C 63 5.56 32.37 -13.32
N LEU C 64 4.48 33.05 -13.73
CA LEU C 64 4.13 33.08 -15.14
C LEU C 64 5.23 33.73 -15.96
N PHE C 65 5.81 34.82 -15.45
CA PHE C 65 6.95 35.44 -16.12
C PHE C 65 8.13 34.47 -16.20
N LYS C 66 8.35 33.68 -15.14
CA LYS C 66 9.43 32.70 -15.16
C LYS C 66 9.13 31.58 -16.15
N ILE C 67 7.86 31.18 -16.27
CA ILE C 67 7.52 30.06 -17.14
C ILE C 67 7.61 30.47 -18.61
N PHE C 68 7.08 31.65 -18.95
CA PHE C 68 6.95 32.03 -20.34
C PHE C 68 8.09 32.90 -20.87
N CYS C 69 8.82 33.61 -20.00
CA CYS C 69 9.86 34.52 -20.48
C CYS C 69 11.29 34.08 -20.16
N LEU C 70 11.49 33.25 -19.15
CA LEU C 70 12.82 32.73 -18.82
C LEU C 70 13.02 31.27 -19.18
N ASP C 71 12.02 30.43 -18.88
CA ASP C 71 12.11 29.01 -19.19
C ASP C 71 11.91 28.72 -20.67
N GLY C 72 11.36 29.66 -21.43
CA GLY C 72 11.23 29.48 -22.86
C GLY C 72 9.95 28.84 -23.34
N VAL C 73 9.06 28.42 -22.43
CA VAL C 73 7.83 27.74 -22.83
C VAL C 73 7.05 28.65 -23.76
N LYS C 74 6.97 28.28 -25.02
CA LYS C 74 6.43 29.13 -26.08
C LYS C 74 5.86 28.25 -27.17
N GLY C 75 5.24 28.87 -28.16
CA GLY C 75 4.72 28.14 -29.29
C GLY C 75 3.64 28.94 -30.01
N ASP C 76 2.88 28.22 -30.83
CA ASP C 76 1.88 28.87 -31.67
C ASP C 76 0.59 29.14 -30.91
N LEU C 77 0.02 28.12 -30.26
CA LEU C 77 -1.30 28.22 -29.65
C LEU C 77 -1.24 27.91 -28.17
N LEU C 78 -1.78 28.82 -27.37
CA LEU C 78 -2.03 28.60 -25.94
C LEU C 78 -3.53 28.70 -25.70
N ILE C 79 -4.07 27.75 -24.95
CA ILE C 79 -5.47 27.77 -24.55
C ILE C 79 -5.53 28.03 -23.06
N ASP C 80 -6.20 29.12 -22.67
CA ASP C 80 -6.42 29.42 -21.26
C ASP C 80 -7.76 28.83 -20.83
N ILE C 81 -7.73 28.08 -19.74
CA ILE C 81 -8.88 27.29 -19.31
C ILE C 81 -9.42 27.90 -18.01
N GLY C 82 -10.67 28.33 -18.06
CA GLY C 82 -11.28 28.97 -16.90
C GLY C 82 -10.78 30.38 -16.68
N SER C 83 -10.62 31.16 -17.75
CA SER C 83 -10.07 32.50 -17.64
C SER C 83 -10.91 33.38 -16.73
N GLY C 84 -12.21 33.11 -16.64
CA GLY C 84 -13.11 34.02 -15.96
C GLY C 84 -13.04 35.39 -16.58
N PRO C 85 -13.06 36.42 -15.74
CA PRO C 85 -12.94 37.78 -16.24
C PRO C 85 -11.54 38.37 -16.10
N THR C 86 -10.52 37.54 -15.94
CA THR C 86 -9.17 38.02 -15.66
C THR C 86 -8.26 37.85 -16.87
N ILE C 87 -7.27 38.74 -16.97
CA ILE C 87 -6.25 38.67 -18.01
C ILE C 87 -4.84 38.64 -17.44
N TYR C 88 -4.69 38.74 -16.12
CA TYR C 88 -3.37 38.77 -15.52
C TYR C 88 -2.56 37.54 -15.92
N GLN C 89 -3.22 36.38 -16.01
CA GLN C 89 -2.54 35.14 -16.35
C GLN C 89 -2.06 35.08 -17.79
N LEU C 90 -2.34 36.10 -18.61
CA LEU C 90 -1.96 36.08 -20.02
C LEU C 90 -0.93 37.12 -20.39
N LEU C 91 -0.60 38.06 -19.49
CA LEU C 91 0.25 39.18 -19.85
C LEU C 91 1.64 38.72 -20.28
N SER C 92 2.24 37.81 -19.50
CA SER C 92 3.56 37.30 -19.87
C SER C 92 3.47 36.31 -21.02
N ALA C 93 2.39 35.53 -21.08
CA ALA C 93 2.23 34.52 -22.13
C ALA C 93 2.04 35.15 -23.51
N CYS C 94 1.41 36.32 -23.58
CA CYS C 94 1.27 37.02 -24.87
C CYS C 94 2.61 37.24 -25.56
N GLU C 95 3.71 37.33 -24.79
CA GLU C 95 5.03 37.51 -25.40
C GLU C 95 5.58 36.24 -26.03
N SER C 96 5.09 35.06 -25.67
CA SER C 96 5.65 33.82 -26.17
C SER C 96 4.68 32.99 -26.99
N PHE C 97 3.45 33.43 -27.16
CA PHE C 97 2.48 32.68 -27.95
C PHE C 97 1.81 33.60 -28.96
N LYS C 98 1.81 33.17 -30.21
CA LYS C 98 1.21 33.98 -31.28
C LYS C 98 -0.29 34.12 -31.08
N GLU C 99 -0.97 33.02 -30.78
CA GLU C 99 -2.42 33.01 -30.63
C GLU C 99 -2.78 32.49 -29.24
N ILE C 100 -3.71 33.19 -28.59
CA ILE C 100 -4.21 32.83 -27.26
C ILE C 100 -5.73 32.66 -27.36
N VAL C 101 -6.24 31.59 -26.77
CA VAL C 101 -7.68 31.36 -26.68
C VAL C 101 -8.07 31.41 -25.20
N VAL C 102 -9.04 32.26 -24.87
CA VAL C 102 -9.56 32.38 -23.50
C VAL C 102 -10.89 31.65 -23.43
N THR C 103 -11.09 30.90 -22.34
CA THR C 103 -12.26 30.05 -22.19
C THR C 103 -12.78 30.13 -20.77
N ASP C 104 -14.09 29.93 -20.62
CA ASP C 104 -14.71 29.82 -19.30
C ASP C 104 -16.08 29.19 -19.44
N TYR C 105 -16.60 28.68 -18.32
CA TYR C 105 -17.94 28.11 -18.33
C TYR C 105 -19.00 29.19 -18.23
N SER C 106 -18.70 30.29 -17.57
CA SER C 106 -19.69 31.34 -17.33
C SER C 106 -19.58 32.41 -18.41
N ASP C 107 -20.69 32.63 -19.13
CA ASP C 107 -20.70 33.70 -20.13
C ASP C 107 -20.57 35.08 -19.50
N GLN C 108 -21.19 35.29 -18.34
CA GLN C 108 -21.07 36.58 -17.67
C GLN C 108 -19.61 36.92 -17.39
N ASN C 109 -18.81 35.91 -17.00
CA ASN C 109 -17.40 36.15 -16.78
C ASN C 109 -16.68 36.49 -18.08
N LEU C 110 -16.99 35.75 -19.15
CA LEU C 110 -16.37 36.01 -20.44
C LEU C 110 -16.76 37.39 -21.00
N GLN C 111 -18.01 37.82 -20.86
CA GLN C 111 -18.39 39.15 -21.36
C GLN C 111 -17.53 40.20 -20.67
N GLU C 112 -17.37 40.07 -19.35
CA GLU C 112 -16.53 41.01 -18.60
C GLU C 112 -15.11 41.03 -19.15
N LEU C 113 -14.60 39.86 -19.55
CA LEU C 113 -13.30 39.81 -20.21
C LEU C 113 -13.36 40.51 -21.56
N GLU C 114 -14.41 40.21 -22.34
CA GLU C 114 -14.52 40.80 -23.67
C GLU C 114 -14.61 42.32 -23.60
N LYS C 115 -15.15 42.84 -22.49
CA LYS C 115 -15.17 44.28 -22.30
C LYS C 115 -13.75 44.84 -22.26
N TRP C 116 -12.85 44.15 -21.56
CA TRP C 116 -11.47 44.61 -21.51
C TRP C 116 -10.75 44.43 -22.86
N LEU C 117 -11.07 43.36 -23.59
CA LEU C 117 -10.43 43.15 -24.89
C LEU C 117 -10.83 44.23 -25.89
N LYS C 118 -12.09 44.66 -25.85
CA LYS C 118 -12.59 45.75 -26.68
C LYS C 118 -12.17 47.12 -26.18
N ALA C 119 -11.56 47.21 -24.99
CA ALA C 119 -11.23 48.48 -24.35
C ALA C 119 -12.48 49.33 -24.16
N ALA C 120 -13.58 48.67 -23.81
CA ALA C 120 -14.84 49.35 -23.52
C ALA C 120 -14.69 50.22 -22.26
N PRO C 121 -15.38 51.35 -22.21
CA PRO C 121 -15.22 52.25 -21.05
C PRO C 121 -15.57 51.59 -19.72
N ALA C 122 -16.49 50.63 -19.71
CA ALA C 122 -16.87 49.92 -18.50
C ALA C 122 -15.86 48.86 -18.09
N ALA C 123 -14.81 48.63 -18.88
CA ALA C 123 -13.88 47.54 -18.60
C ALA C 123 -13.12 47.76 -17.30
N PHE C 124 -12.62 46.66 -16.76
CA PHE C 124 -11.83 46.67 -15.53
C PHE C 124 -10.46 47.31 -15.78
N ASP C 125 -9.93 47.96 -14.75
CA ASP C 125 -8.65 48.65 -14.86
C ASP C 125 -7.56 47.68 -14.42
N TRP C 126 -6.87 47.10 -15.40
CA TRP C 126 -5.73 46.22 -15.14
C TRP C 126 -4.40 46.96 -15.19
N SER C 127 -4.42 48.28 -15.36
CA SER C 127 -3.20 49.06 -15.49
C SER C 127 -2.15 48.77 -14.42
N PRO C 128 -2.46 48.74 -13.12
CA PRO C 128 -1.40 48.47 -12.15
C PRO C 128 -0.82 47.06 -12.27
N VAL C 129 -1.65 46.08 -12.64
CA VAL C 129 -1.13 44.73 -12.92
C VAL C 129 -0.26 44.77 -14.17
N VAL C 130 -0.71 45.48 -15.20
CA VAL C 130 0.06 45.59 -16.43
C VAL C 130 1.42 46.25 -16.14
N THR C 131 1.40 47.31 -15.34
CA THR C 131 2.64 48.00 -14.98
C THR C 131 3.62 47.06 -14.29
N TYR C 132 3.12 46.22 -13.38
CA TYR C 132 3.98 45.28 -12.67
C TYR C 132 4.62 44.28 -13.62
N VAL C 133 3.85 43.77 -14.59
CA VAL C 133 4.37 42.77 -15.51
C VAL C 133 5.44 43.38 -16.41
N CYS C 134 5.23 44.62 -16.87
CA CYS C 134 6.23 45.25 -17.71
C CYS C 134 7.51 45.55 -16.94
N ASP C 135 7.41 45.74 -15.62
CA ASP C 135 8.61 45.91 -14.82
C ASP C 135 9.35 44.59 -14.66
N LEU C 136 8.62 43.47 -14.59
CA LEU C 136 9.28 42.17 -14.56
C LEU C 136 10.04 41.92 -15.85
N GLU C 137 9.56 42.44 -16.98
CA GLU C 137 10.14 42.18 -18.29
C GLU C 137 11.15 43.24 -18.72
N GLY C 138 11.62 44.09 -17.80
CA GLY C 138 12.72 45.02 -18.05
C GLY C 138 12.31 46.37 -18.63
N ASN C 139 11.02 46.68 -18.59
CA ASN C 139 10.38 47.88 -19.18
C ASN C 139 10.79 48.09 -20.62
N ARG C 140 10.86 47.00 -21.39
CA ARG C 140 11.05 47.14 -22.82
C ARG C 140 9.91 47.90 -23.46
N VAL C 141 8.69 47.70 -22.94
CA VAL C 141 7.51 48.43 -23.37
C VAL C 141 6.84 49.02 -22.14
N LYS C 142 5.81 49.82 -22.35
CA LYS C 142 4.96 50.33 -21.28
C LYS C 142 3.54 49.78 -21.44
N GLY C 143 2.68 50.16 -20.50
CA GLY C 143 1.37 49.56 -20.36
C GLY C 143 0.53 49.51 -21.64
N PRO C 144 0.28 50.68 -22.24
CA PRO C 144 -0.58 50.70 -23.44
C PRO C 144 -0.08 49.78 -24.53
N GLU C 145 1.22 49.75 -24.78
CA GLU C 145 1.75 48.83 -25.79
C GLU C 145 1.61 47.38 -25.35
N LYS C 146 1.79 47.12 -24.04
CA LYS C 146 1.63 45.77 -23.53
C LYS C 146 0.19 45.29 -23.68
N GLU C 147 -0.76 46.13 -23.25
CA GLU C 147 -2.17 45.78 -23.36
C GLU C 147 -2.55 45.48 -24.81
N GLU C 148 -2.01 46.28 -25.74
CA GLU C 148 -2.36 46.10 -27.14
C GLU C 148 -1.83 44.78 -27.67
N LYS C 149 -0.63 44.37 -27.24
CA LYS C 149 -0.09 43.09 -27.69
C LYS C 149 -0.94 41.92 -27.19
N LEU C 150 -1.42 41.98 -25.95
CA LEU C 150 -2.30 40.92 -25.46
C LEU C 150 -3.62 40.92 -26.21
N ARG C 151 -4.19 42.10 -26.45
CA ARG C 151 -5.45 42.17 -27.18
C ARG C 151 -5.32 41.56 -28.58
N GLN C 152 -4.15 41.68 -29.21
CA GLN C 152 -3.97 41.09 -30.53
C GLN C 152 -3.78 39.58 -30.45
N ALA C 153 -3.26 39.06 -29.33
CA ALA C 153 -3.03 37.63 -29.23
C ALA C 153 -4.32 36.84 -29.00
N VAL C 154 -5.28 37.41 -28.28
CA VAL C 154 -6.51 36.69 -27.96
C VAL C 154 -7.39 36.64 -29.20
N LYS C 155 -7.42 35.48 -29.85
CA LYS C 155 -8.16 35.32 -31.10
C LYS C 155 -9.56 34.76 -30.91
N GLN C 156 -9.81 33.98 -29.87
CA GLN C 156 -11.11 33.37 -29.66
C GLN C 156 -11.49 33.40 -28.18
N VAL C 157 -12.78 33.60 -27.92
CA VAL C 157 -13.36 33.58 -26.57
C VAL C 157 -14.43 32.49 -26.56
N LEU C 158 -14.14 31.36 -25.94
CA LEU C 158 -14.95 30.17 -26.12
C LEU C 158 -15.57 29.71 -24.80
N LYS C 159 -16.78 29.18 -24.89
CA LYS C 159 -17.39 28.49 -23.76
C LYS C 159 -16.66 27.18 -23.51
N CYS C 160 -16.46 26.87 -22.23
CA CYS C 160 -15.65 25.72 -21.85
C CYS C 160 -16.26 25.01 -20.66
N ASP C 161 -16.12 23.69 -20.63
CA ASP C 161 -16.51 22.87 -19.49
C ASP C 161 -15.47 21.77 -19.33
N VAL C 162 -14.64 21.89 -18.29
CA VAL C 162 -13.53 20.96 -18.09
C VAL C 162 -13.98 19.54 -17.74
N THR C 163 -15.22 19.38 -17.29
CA THR C 163 -15.72 18.06 -16.91
C THR C 163 -16.18 17.24 -18.10
N GLN C 164 -16.16 17.79 -19.31
CA GLN C 164 -16.64 17.11 -20.50
C GLN C 164 -15.50 16.55 -21.33
N SER C 165 -15.76 15.43 -22.01
CA SER C 165 -14.77 14.80 -22.88
C SER C 165 -14.20 15.79 -23.89
N GLN C 166 -15.06 16.64 -24.46
CA GLN C 166 -14.66 17.74 -25.32
C GLN C 166 -14.86 19.04 -24.55
N PRO C 167 -13.83 19.59 -23.91
CA PRO C 167 -14.05 20.77 -23.05
C PRO C 167 -14.58 21.98 -23.81
N LEU C 168 -14.22 22.14 -25.07
CA LEU C 168 -14.68 23.26 -25.88
C LEU C 168 -15.83 22.90 -26.79
N GLY C 169 -16.50 21.78 -26.54
CA GLY C 169 -17.63 21.40 -27.38
C GLY C 169 -17.17 21.01 -28.77
N ALA C 170 -17.91 21.50 -29.77
CA ALA C 170 -17.64 21.17 -31.16
C ALA C 170 -16.70 22.16 -31.85
N VAL C 171 -16.17 23.14 -31.12
CA VAL C 171 -15.27 24.11 -31.71
C VAL C 171 -13.95 23.44 -32.07
N PRO C 172 -13.58 23.40 -33.35
CA PRO C 172 -12.31 22.74 -33.74
C PRO C 172 -11.12 23.68 -33.52
N LEU C 173 -10.08 23.15 -32.91
CA LEU C 173 -8.83 23.88 -32.73
C LEU C 173 -7.68 22.95 -33.07
N PRO C 174 -6.58 23.50 -33.59
CA PRO C 174 -5.36 22.70 -33.68
C PRO C 174 -4.89 22.31 -32.29
N PRO C 175 -4.18 21.19 -32.18
CA PRO C 175 -3.56 20.85 -30.89
C PRO C 175 -2.67 21.98 -30.38
N ALA C 176 -2.90 22.38 -29.14
CA ALA C 176 -2.20 23.52 -28.56
C ALA C 176 -0.79 23.13 -28.14
N ASP C 177 0.10 24.13 -28.15
CA ASP C 177 1.41 23.96 -27.56
C ASP C 177 1.40 24.07 -26.04
N CYS C 178 0.38 24.70 -25.48
CA CYS C 178 0.30 24.88 -24.04
C CYS C 178 -1.16 25.05 -23.62
N VAL C 179 -1.49 24.45 -22.48
CA VAL C 179 -2.78 24.66 -21.84
C VAL C 179 -2.51 25.27 -20.47
N LEU C 180 -3.11 26.42 -20.21
CA LEU C 180 -2.94 27.16 -18.96
C LEU C 180 -4.26 27.20 -18.21
N SER C 181 -4.18 27.11 -16.88
CA SER C 181 -5.37 27.16 -16.04
C SER C 181 -4.96 27.66 -14.66
N THR C 182 -5.44 28.85 -14.29
CA THR C 182 -5.14 29.45 -13.00
C THR C 182 -6.43 29.53 -12.18
N LEU C 183 -6.42 28.89 -11.01
CA LEU C 183 -7.48 29.05 -10.00
C LEU C 183 -8.84 28.55 -10.48
N CYS C 184 -8.87 27.55 -11.35
CA CYS C 184 -10.13 27.08 -11.90
C CYS C 184 -10.48 25.65 -11.52
N LEU C 185 -9.49 24.75 -11.49
CA LEU C 185 -9.79 23.33 -11.31
C LEU C 185 -10.32 23.02 -9.91
N ASP C 186 -9.77 23.66 -8.88
CA ASP C 186 -10.33 23.49 -7.54
C ASP C 186 -11.78 23.90 -7.48
N ALA C 187 -12.15 24.95 -8.22
CA ALA C 187 -13.52 25.46 -8.21
C ALA C 187 -14.46 24.59 -9.05
N ALA C 188 -13.94 23.93 -10.07
CA ALA C 188 -14.78 23.24 -11.04
C ALA C 188 -15.00 21.78 -10.70
N CYS C 189 -14.13 21.18 -9.90
CA CYS C 189 -14.16 19.75 -9.66
C CYS C 189 -14.65 19.45 -8.25
N PRO C 190 -15.80 18.80 -8.09
CA PRO C 190 -16.31 18.52 -6.75
C PRO C 190 -15.56 17.43 -6.02
N ASP C 191 -14.82 16.57 -6.72
CA ASP C 191 -14.07 15.50 -6.08
C ASP C 191 -12.81 15.23 -6.89
N LEU C 192 -11.92 14.42 -6.31
CA LEU C 192 -10.63 14.13 -6.92
C LEU C 192 -10.76 13.33 -8.22
N PRO C 193 -11.66 12.34 -8.31
CA PRO C 193 -11.84 11.69 -9.62
C PRO C 193 -12.27 12.65 -10.71
N THR C 194 -13.22 13.54 -10.44
CA THR C 194 -13.56 14.57 -11.44
C THR C 194 -12.36 15.43 -11.77
N TYR C 195 -11.58 15.82 -10.75
CA TYR C 195 -10.36 16.58 -10.97
C TYR C 195 -9.43 15.84 -11.92
N CYS C 196 -9.19 14.56 -11.65
CA CYS C 196 -8.34 13.78 -12.54
C CYS C 196 -8.99 13.62 -13.92
N ARG C 197 -10.32 13.55 -13.96
CA ARG C 197 -11.00 13.48 -15.26
C ARG C 197 -10.83 14.78 -16.03
N ALA C 198 -10.84 15.93 -15.35
CA ALA C 198 -10.72 17.21 -16.05
C ALA C 198 -9.32 17.41 -16.61
N LEU C 199 -8.29 17.02 -15.85
CA LEU C 199 -6.92 17.14 -16.34
C LEU C 199 -6.73 16.30 -17.59
N ARG C 200 -7.39 15.15 -17.62
CA ARG C 200 -7.31 14.28 -18.78
C ARG C 200 -8.08 14.87 -19.95
N ASN C 201 -9.23 15.44 -19.68
CA ASN C 201 -9.97 16.14 -20.73
C ASN C 201 -9.16 17.26 -21.33
N LEU C 202 -8.48 18.04 -20.47
CA LEU C 202 -7.65 19.13 -20.97
C LEU C 202 -6.54 18.61 -21.87
N GLY C 203 -6.02 17.41 -21.59
CA GLY C 203 -4.99 16.84 -22.44
C GLY C 203 -5.44 16.59 -23.87
N SER C 204 -6.74 16.42 -24.08
CA SER C 204 -7.25 16.25 -25.43
C SER C 204 -7.03 17.50 -26.29
N LEU C 205 -6.73 18.64 -25.68
CA LEU C 205 -6.45 19.87 -26.41
C LEU C 205 -4.96 20.10 -26.65
N LEU C 206 -4.10 19.23 -26.11
CA LEU C 206 -2.67 19.46 -26.08
C LEU C 206 -1.94 18.61 -27.12
N LYS C 207 -0.92 19.19 -27.75
CA LYS C 207 0.01 18.42 -28.54
C LYS C 207 0.70 17.38 -27.66
N PRO C 208 1.10 16.24 -28.22
CA PRO C 208 1.96 15.31 -27.47
C PRO C 208 3.28 16.00 -27.14
N GLY C 209 3.68 15.91 -25.87
CA GLY C 209 4.80 16.68 -25.37
C GLY C 209 4.50 18.14 -25.12
N GLY C 210 3.25 18.56 -25.31
CA GLY C 210 2.88 19.93 -25.02
C GLY C 210 2.86 20.22 -23.53
N PHE C 211 2.88 21.49 -23.20
CA PHE C 211 2.97 21.94 -21.81
C PHE C 211 1.60 22.15 -21.19
N LEU C 212 1.49 21.75 -19.92
CA LEU C 212 0.31 22.03 -19.09
C LEU C 212 0.77 22.85 -17.89
N VAL C 213 0.19 24.02 -17.72
CA VAL C 213 0.58 24.95 -16.66
C VAL C 213 -0.64 25.17 -15.77
N ILE C 214 -0.57 24.70 -14.53
CA ILE C 214 -1.66 24.83 -13.56
C ILE C 214 -1.15 25.63 -12.37
N MET C 215 -1.95 26.59 -11.92
CA MET C 215 -1.75 27.28 -10.66
C MET C 215 -3.08 27.32 -9.95
N ASP C 216 -3.11 26.89 -8.70
CA ASP C 216 -4.37 26.75 -7.98
C ASP C 216 -4.11 26.73 -6.48
N ALA C 217 -5.20 26.69 -5.72
CA ALA C 217 -5.14 26.72 -4.27
C ALA C 217 -4.88 25.32 -3.71
N LEU C 218 -4.30 25.29 -2.51
CA LEU C 218 -4.09 24.06 -1.77
C LEU C 218 -5.01 24.04 -0.55
N LYS C 219 -5.65 22.88 -0.32
CA LYS C 219 -6.40 22.61 0.92
C LYS C 219 -7.53 23.62 1.15
N SER C 220 -8.19 24.05 0.09
CA SER C 220 -9.23 25.07 0.17
C SER C 220 -10.59 24.44 -0.05
N SER C 221 -11.49 24.59 0.93
CA SER C 221 -12.85 24.08 0.82
C SER C 221 -13.82 25.09 0.22
N TYR C 222 -13.49 26.37 0.23
CA TYR C 222 -14.39 27.40 -0.25
C TYR C 222 -13.61 28.66 -0.54
N TYR C 223 -14.24 29.55 -1.30
CA TYR C 223 -13.77 30.91 -1.45
C TYR C 223 -14.98 31.83 -1.43
N MET C 224 -14.74 33.09 -1.07
CA MET C 224 -15.79 34.07 -0.88
C MET C 224 -15.68 35.16 -1.94
N ILE C 225 -16.83 35.59 -2.44
CA ILE C 225 -16.93 36.85 -3.18
C ILE C 225 -17.83 37.74 -2.34
N GLY C 226 -17.23 38.55 -1.48
CA GLY C 226 -18.02 39.24 -0.48
C GLY C 226 -18.66 38.26 0.50
N GLU C 227 -19.99 38.23 0.55
CA GLU C 227 -20.77 37.36 1.43
C GLU C 227 -21.22 36.12 0.70
N GLN C 228 -20.80 36.00 -0.55
CA GLN C 228 -21.27 35.01 -1.51
C GLN C 228 -20.24 33.87 -1.47
N LYS C 229 -20.66 32.67 -1.01
CA LYS C 229 -19.72 31.56 -0.80
C LYS C 229 -19.80 30.50 -1.90
N PHE C 230 -18.64 30.09 -2.41
CA PHE C 230 -18.55 29.05 -3.44
C PHE C 230 -17.65 27.91 -3.01
N SER C 231 -17.99 26.70 -3.46
CA SER C 231 -17.23 25.50 -3.09
C SER C 231 -15.89 25.42 -3.82
N SER C 232 -14.90 24.83 -3.13
CA SER C 232 -13.61 24.49 -3.70
C SER C 232 -13.20 23.10 -3.21
N LEU C 233 -12.45 22.39 -4.05
CA LEU C 233 -11.95 21.06 -3.69
C LEU C 233 -10.66 21.18 -2.88
N PRO C 234 -10.67 20.75 -1.60
CA PRO C 234 -9.49 20.96 -0.73
C PRO C 234 -8.38 19.94 -0.97
N LEU C 235 -7.69 20.09 -2.09
CA LEU C 235 -6.64 19.16 -2.49
C LEU C 235 -5.32 19.51 -1.80
N GLY C 236 -4.61 18.47 -1.35
CA GLY C 236 -3.21 18.62 -1.00
C GLY C 236 -2.30 18.38 -2.19
N ARG C 237 -1.03 18.78 -2.03
CA ARG C 237 -0.06 18.66 -3.11
C ARG C 237 0.07 17.22 -3.60
N GLU C 238 0.05 16.25 -2.68
CA GLU C 238 0.19 14.85 -3.07
C GLU C 238 -0.94 14.42 -4.00
N ALA C 239 -2.18 14.81 -3.66
CA ALA C 239 -3.33 14.48 -4.50
C ALA C 239 -3.20 15.13 -5.88
N VAL C 240 -2.76 16.38 -5.93
CA VAL C 240 -2.57 17.05 -7.22
C VAL C 240 -1.58 16.26 -8.07
N GLU C 241 -0.45 15.88 -7.46
CA GLU C 241 0.58 15.14 -8.18
C GLU C 241 0.05 13.83 -8.72
N ALA C 242 -0.67 13.07 -7.89
CA ALA C 242 -1.21 11.80 -8.33
C ALA C 242 -2.23 11.99 -9.45
N ALA C 243 -3.10 12.99 -9.33
CA ALA C 243 -4.09 13.21 -10.36
C ALA C 243 -3.44 13.62 -11.66
N VAL C 244 -2.39 14.44 -11.60
CA VAL C 244 -1.70 14.86 -12.81
C VAL C 244 -1.02 13.67 -13.48
N LYS C 245 -0.34 12.84 -12.71
CA LYS C 245 0.35 11.69 -13.29
C LYS C 245 -0.64 10.67 -13.83
N GLU C 246 -1.73 10.42 -13.10
CA GLU C 246 -2.73 9.48 -13.59
C GLU C 246 -3.39 10.00 -14.86
N ALA C 247 -3.53 11.32 -15.00
CA ALA C 247 -4.14 11.90 -16.20
C ALA C 247 -3.25 11.83 -17.43
N GLY C 248 -2.01 11.40 -17.30
CA GLY C 248 -1.14 11.23 -18.44
C GLY C 248 -0.12 12.33 -18.65
N TYR C 249 0.37 12.95 -17.58
CA TYR C 249 1.38 13.99 -17.67
C TYR C 249 2.59 13.57 -16.86
N THR C 250 3.74 14.13 -17.21
CA THR C 250 4.93 14.05 -16.39
C THR C 250 5.26 15.46 -15.93
N ILE C 251 5.48 15.62 -14.63
CA ILE C 251 5.67 16.93 -14.04
C ILE C 251 7.13 17.34 -14.20
N GLU C 252 7.37 18.52 -14.77
CA GLU C 252 8.72 19.02 -14.90
C GLU C 252 9.13 19.88 -13.70
N TRP C 253 8.25 20.75 -13.21
CA TRP C 253 8.52 21.33 -11.91
C TRP C 253 7.21 21.62 -11.19
N PHE C 254 7.31 21.59 -9.86
CA PHE C 254 6.17 21.70 -8.97
C PHE C 254 6.59 22.57 -7.80
N GLU C 255 5.89 23.68 -7.61
CA GLU C 255 6.21 24.63 -6.55
C GLU C 255 5.01 24.77 -5.62
N VAL C 256 5.30 24.86 -4.33
CA VAL C 256 4.29 25.10 -3.30
C VAL C 256 4.73 26.34 -2.53
N ILE C 257 3.82 27.30 -2.41
CA ILE C 257 4.08 28.48 -1.59
C ILE C 257 3.16 28.44 -0.39
N SER C 258 3.66 28.94 0.74
CA SER C 258 2.86 28.94 1.97
C SER C 258 1.84 30.06 1.97
N GLN C 259 2.08 31.14 1.22
CA GLN C 259 1.23 32.32 1.24
C GLN C 259 -0.22 31.96 0.96
N SER C 260 -1.12 32.47 1.80
CA SER C 260 -2.54 32.16 1.75
C SER C 260 -3.36 33.41 1.48
N TYR C 261 -4.58 33.20 0.99
CA TYR C 261 -5.55 34.28 0.98
C TYR C 261 -6.00 34.60 2.40
N SER C 262 -6.51 35.81 2.57
CA SER C 262 -7.09 36.20 3.85
C SER C 262 -8.25 35.27 4.19
N SER C 263 -8.42 34.99 5.48
CA SER C 263 -9.45 34.06 5.91
C SER C 263 -10.86 34.51 5.49
N THR C 264 -11.05 35.81 5.29
CA THR C 264 -12.36 36.32 4.86
C THR C 264 -12.69 36.01 3.41
N MET C 265 -11.71 35.59 2.61
CA MET C 265 -11.95 35.37 1.19
C MET C 265 -11.78 33.93 0.74
N ALA C 266 -10.76 33.23 1.24
CA ALA C 266 -10.60 31.81 0.97
C ALA C 266 -9.90 31.16 2.15
N ASN C 267 -10.16 29.87 2.35
CA ASN C 267 -9.53 29.11 3.43
C ASN C 267 -8.40 28.22 2.91
N ASN C 268 -7.67 28.69 1.90
CA ASN C 268 -6.59 27.88 1.38
C ASN C 268 -5.40 27.87 2.33
N GLU C 269 -4.60 26.83 2.21
CA GLU C 269 -3.31 26.74 2.88
C GLU C 269 -2.22 26.74 1.81
N GLY C 270 -2.01 27.92 1.23
CA GLY C 270 -1.03 28.10 0.18
C GLY C 270 -1.57 27.80 -1.20
N LEU C 271 -0.66 27.87 -2.17
CA LEU C 271 -0.97 27.64 -3.57
C LEU C 271 0.11 26.77 -4.17
N PHE C 272 -0.23 26.10 -5.28
CA PHE C 272 0.75 25.36 -6.03
C PHE C 272 0.85 25.88 -7.46
N SER C 273 2.00 25.63 -8.06
CA SER C 273 2.27 26.00 -9.45
C SER C 273 3.07 24.87 -10.06
N LEU C 274 2.62 24.35 -11.20
CA LEU C 274 3.30 23.22 -11.82
C LEU C 274 3.38 23.42 -13.32
N VAL C 275 4.47 22.90 -13.89
CA VAL C 275 4.62 22.74 -15.33
C VAL C 275 4.78 21.25 -15.59
N ALA C 276 3.92 20.71 -16.44
CA ALA C 276 3.94 19.30 -16.79
C ALA C 276 3.92 19.17 -18.31
N ARG C 277 4.21 17.96 -18.79
CA ARG C 277 4.18 17.67 -20.21
C ARG C 277 3.29 16.46 -20.46
N LYS C 278 2.53 16.51 -21.54
CA LYS C 278 1.66 15.40 -21.89
C LYS C 278 2.49 14.26 -22.44
N LEU C 279 2.42 13.10 -21.80
CA LEU C 279 3.19 11.93 -22.21
C LEU C 279 2.75 11.47 -23.59
N PHE D 24 48.97 -5.18 5.05
CA PHE D 24 48.00 -6.23 5.33
C PHE D 24 48.70 -7.57 5.45
N THR D 25 48.26 -8.39 6.41
CA THR D 25 48.86 -9.70 6.62
C THR D 25 48.86 -10.54 5.35
N SER D 26 50.06 -10.81 4.83
CA SER D 26 50.23 -11.67 3.66
C SER D 26 49.79 -13.10 3.98
N LYS D 27 49.59 -13.88 2.90
CA LYS D 27 49.17 -15.27 3.07
C LYS D 27 50.29 -16.13 3.66
N ASP D 28 51.55 -15.74 3.45
CA ASP D 28 52.66 -16.43 4.08
C ASP D 28 52.48 -16.53 5.60
N THR D 29 52.03 -15.44 6.22
CA THR D 29 51.97 -15.35 7.67
C THR D 29 50.94 -16.31 8.27
N TYR D 30 49.87 -16.63 7.54
CA TYR D 30 48.85 -17.54 8.08
C TYR D 30 49.34 -18.97 8.19
N LEU D 31 50.35 -19.35 7.42
CA LEU D 31 50.98 -20.65 7.58
C LEU D 31 52.14 -20.62 8.56
N SER D 32 52.52 -19.42 9.02
CA SER D 32 53.65 -19.21 9.91
C SER D 32 53.22 -18.83 11.33
N HIS D 33 52.38 -17.80 11.47
CA HIS D 33 52.11 -17.18 12.76
C HIS D 33 50.70 -17.46 13.29
N PHE D 34 49.84 -18.11 12.52
CA PHE D 34 48.50 -18.47 12.98
C PHE D 34 48.52 -19.83 13.65
N ASN D 35 48.36 -19.87 14.97
CA ASN D 35 48.33 -21.13 15.69
C ASN D 35 46.88 -21.53 15.92
N PRO D 36 46.37 -22.58 15.26
CA PRO D 36 44.95 -22.93 15.40
C PRO D 36 44.52 -23.23 16.83
N ARG D 37 45.35 -23.94 17.61
CA ARG D 37 44.98 -24.24 18.99
C ARG D 37 44.91 -22.96 19.83
N ASP D 38 45.85 -22.04 19.64
CA ASP D 38 45.77 -20.78 20.39
C ASP D 38 44.52 -20.01 20.00
N TYR D 39 44.10 -20.10 18.74
CA TYR D 39 42.88 -19.46 18.30
C TYR D 39 41.65 -20.11 18.92
N LEU D 40 41.58 -21.45 18.86
CA LEU D 40 40.46 -22.17 19.46
C LEU D 40 40.38 -21.89 20.95
N GLU D 41 41.52 -21.89 21.65
CA GLU D 41 41.43 -21.37 23.00
C GLU D 41 40.88 -19.99 23.12
N LYS D 42 41.36 -19.09 22.27
CA LYS D 42 41.05 -17.76 22.71
C LYS D 42 39.61 -17.41 22.40
N TYR D 43 39.06 -18.03 21.36
CA TYR D 43 37.80 -17.60 20.78
C TYR D 43 36.60 -18.54 20.95
N TYR D 44 36.84 -19.81 21.23
CA TYR D 44 35.82 -20.85 21.25
C TYR D 44 35.89 -21.55 22.60
N LYS D 45 36.22 -20.71 23.63
CA LYS D 45 36.36 -20.97 25.07
C LYS D 45 35.17 -21.73 25.59
N PHE D 46 34.09 -21.00 25.63
CA PHE D 46 32.73 -21.35 25.97
C PHE D 46 32.66 -21.91 27.36
N GLY D 47 33.58 -21.53 28.23
CA GLY D 47 33.61 -22.21 29.50
C GLY D 47 32.50 -21.80 30.41
N SER D 48 32.61 -20.57 30.84
CA SER D 48 31.67 -20.01 31.78
C SER D 48 30.96 -18.89 31.02
N ARG D 49 30.40 -19.34 29.87
CA ARG D 49 29.87 -18.59 28.76
C ARG D 49 28.90 -17.44 29.07
N HIS D 50 29.40 -16.27 29.39
CA HIS D 50 28.97 -14.92 29.00
C HIS D 50 30.14 -13.94 29.09
N SER D 51 31.16 -14.38 28.33
CA SER D 51 32.14 -13.73 27.49
C SER D 51 31.48 -12.92 26.37
N ALA D 52 32.19 -11.90 25.90
CA ALA D 52 31.81 -11.28 24.63
C ALA D 52 31.86 -12.29 23.49
N GLU D 53 32.90 -13.14 23.47
CA GLU D 53 33.09 -14.15 22.43
C GLU D 53 31.99 -15.19 22.49
N SER D 54 31.69 -15.66 23.69
CA SER D 54 30.60 -16.60 23.80
C SER D 54 29.33 -15.96 23.33
N GLN D 55 29.20 -14.65 23.49
CA GLN D 55 27.91 -14.14 23.12
C GLN D 55 27.77 -14.07 21.61
N ILE D 56 28.85 -13.70 20.95
CA ILE D 56 28.87 -13.67 19.49
C ILE D 56 28.67 -15.08 18.96
N LEU D 57 29.37 -16.06 19.56
CA LEU D 57 29.23 -17.45 19.11
C LEU D 57 27.79 -17.94 19.21
N LYS D 58 27.09 -17.56 20.30
CA LYS D 58 25.71 -18.01 20.47
C LYS D 58 24.80 -17.41 19.40
N HIS D 59 25.01 -16.14 19.04
CA HIS D 59 24.17 -15.54 18.01
C HIS D 59 24.47 -16.14 16.65
N LEU D 60 25.74 -16.36 16.33
CA LEU D 60 26.08 -17.05 15.08
C LEU D 60 25.41 -18.42 15.03
N LEU D 61 25.43 -19.15 16.15
CA LEU D 61 24.81 -20.47 16.18
C LEU D 61 23.31 -20.39 15.95
N LYS D 62 22.63 -19.40 16.55
CA LYS D 62 21.20 -19.25 16.35
C LYS D 62 20.88 -18.88 14.91
N ASN D 63 21.70 -18.05 14.27
CA ASN D 63 21.46 -17.68 12.89
C ASN D 63 21.68 -18.87 11.96
N LEU D 64 22.76 -19.62 12.16
CA LEU D 64 22.98 -20.82 11.36
C LEU D 64 21.85 -21.83 11.54
N PHE D 65 21.36 -21.96 12.77
CA PHE D 65 20.18 -22.80 13.02
C PHE D 65 19.00 -22.29 12.22
N LYS D 66 18.75 -20.97 12.27
CA LYS D 66 17.65 -20.40 11.51
CA LYS D 66 17.65 -20.39 11.51
C LYS D 66 17.82 -20.60 10.02
N ILE D 67 19.04 -20.42 9.51
CA ILE D 67 19.28 -20.52 8.07
C ILE D 67 19.07 -21.96 7.59
N PHE D 68 19.60 -22.93 8.34
CA PHE D 68 19.64 -24.31 7.85
C PHE D 68 18.50 -25.18 8.36
N CYS D 69 17.88 -24.87 9.50
CA CYS D 69 16.84 -25.73 10.06
C CYS D 69 15.44 -25.13 10.05
N LEU D 70 15.32 -23.81 9.99
CA LEU D 70 14.01 -23.17 9.88
C LEU D 70 13.74 -22.60 8.50
N ASP D 71 14.73 -21.95 7.88
CA ASP D 71 14.57 -21.40 6.54
C ASP D 71 14.62 -22.47 5.45
N GLY D 72 15.03 -23.69 5.78
CA GLY D 72 15.02 -24.76 4.80
C GLY D 72 16.23 -24.84 3.89
N VAL D 73 17.19 -23.91 4.02
CA VAL D 73 18.35 -23.89 3.14
C VAL D 73 19.06 -25.24 3.27
N LYS D 74 18.99 -26.04 2.21
CA LYS D 74 19.42 -27.42 2.24
C LYS D 74 19.81 -27.85 0.83
N GLY D 75 20.35 -29.05 0.73
CA GLY D 75 20.70 -29.59 -0.58
C GLY D 75 21.74 -30.68 -0.46
N ASP D 76 22.37 -30.98 -1.59
CA ASP D 76 23.30 -32.10 -1.66
C ASP D 76 24.68 -31.71 -1.12
N LEU D 77 25.24 -30.62 -1.63
CA LEU D 77 26.63 -30.24 -1.34
C LEU D 77 26.68 -28.84 -0.75
N LEU D 78 27.37 -28.71 0.39
CA LEU D 78 27.74 -27.43 0.98
C LEU D 78 29.25 -27.34 1.04
N ILE D 79 29.81 -26.21 0.61
CA ILE D 79 31.24 -25.94 0.68
C ILE D 79 31.47 -24.88 1.76
N ASP D 80 32.25 -25.23 2.77
CA ASP D 80 32.64 -24.29 3.81
C ASP D 80 33.97 -23.66 3.43
N ILE D 81 34.04 -22.33 3.45
CA ILE D 81 35.18 -21.58 2.93
C ILE D 81 35.89 -20.91 4.09
N GLY D 82 37.16 -21.25 4.28
CA GLY D 82 37.91 -20.70 5.40
C GLY D 82 37.53 -21.32 6.72
N SER D 83 37.38 -22.64 6.76
CA SER D 83 36.92 -23.32 7.97
C SER D 83 37.84 -23.06 9.15
N GLY D 84 39.13 -22.82 8.90
CA GLY D 84 40.09 -22.78 9.96
C GLY D 84 40.07 -24.08 10.75
N PRO D 85 40.19 -23.99 12.06
CA PRO D 85 40.10 -25.20 12.89
C PRO D 85 38.75 -25.34 13.57
N THR D 86 37.72 -24.65 13.08
CA THR D 86 36.44 -24.62 13.75
C THR D 86 35.40 -25.46 13.02
N ILE D 87 34.48 -26.02 13.80
CA ILE D 87 33.37 -26.80 13.26
C ILE D 87 32.02 -26.28 13.74
N TYR D 88 31.99 -25.27 14.59
CA TYR D 88 30.72 -24.75 15.09
C TYR D 88 29.79 -24.36 13.95
N GLN D 89 30.35 -23.81 12.88
CA GLN D 89 29.59 -23.35 11.73
C GLN D 89 28.99 -24.48 10.91
N LEU D 90 29.26 -25.74 11.24
CA LEU D 90 28.78 -26.88 10.48
C LEU D 90 27.77 -27.74 11.22
N LEU D 91 27.54 -27.48 12.51
CA LEU D 91 26.71 -28.37 13.32
C LEU D 91 25.27 -28.39 12.82
N SER D 92 24.68 -27.22 12.59
CA SER D 92 23.31 -27.18 12.08
C SER D 92 23.23 -27.54 10.61
N ALA D 93 24.23 -27.14 9.82
CA ALA D 93 24.20 -27.40 8.38
C ALA D 93 24.27 -28.88 8.04
N CYS D 94 25.00 -29.67 8.85
CA CYS D 94 25.05 -31.12 8.62
C CYS D 94 23.66 -31.74 8.61
N GLU D 95 22.68 -31.13 9.29
CA GLU D 95 21.33 -31.69 9.30
C GLU D 95 20.60 -31.46 7.99
N SER D 96 21.02 -30.49 7.18
CA SER D 96 20.32 -30.17 5.95
C SER D 96 21.17 -30.38 4.71
N PHE D 97 22.43 -30.80 4.85
CA PHE D 97 23.28 -31.04 3.71
C PHE D 97 23.86 -32.42 3.87
N LYS D 98 23.70 -33.22 2.82
CA LYS D 98 24.18 -34.59 2.87
C LYS D 98 25.67 -34.59 3.12
N GLU D 99 26.37 -33.64 2.50
CA GLU D 99 27.73 -33.91 2.12
C GLU D 99 28.43 -32.56 2.12
N ILE D 100 29.42 -32.46 3.00
CA ILE D 100 30.03 -31.19 3.39
C ILE D 100 31.54 -31.19 3.10
N VAL D 101 32.02 -30.11 2.50
CA VAL D 101 33.43 -29.89 2.22
C VAL D 101 33.94 -28.71 3.03
N VAL D 102 35.00 -28.94 3.81
CA VAL D 102 35.63 -27.91 4.61
C VAL D 102 36.94 -27.49 3.95
N THR D 103 37.21 -26.19 3.93
CA THR D 103 38.36 -25.65 3.21
C THR D 103 39.02 -24.55 4.03
N ASP D 104 40.33 -24.39 3.83
CA ASP D 104 41.07 -23.29 4.43
C ASP D 104 42.38 -23.12 3.68
N TYR D 105 42.98 -21.94 3.85
CA TYR D 105 44.26 -21.68 3.21
C TYR D 105 45.43 -22.31 3.97
N SER D 106 45.31 -22.49 5.28
CA SER D 106 46.40 -22.95 6.14
C SER D 106 46.33 -24.46 6.43
N ASP D 107 47.40 -25.22 6.21
CA ASP D 107 47.35 -26.56 6.83
C ASP D 107 47.16 -26.54 8.31
N GLN D 108 47.92 -25.70 8.98
CA GLN D 108 47.92 -25.86 10.42
C GLN D 108 46.48 -25.90 10.90
N ASN D 109 45.63 -25.08 10.30
CA ASN D 109 44.22 -25.07 10.63
C ASN D 109 43.53 -26.37 10.21
N LEU D 110 43.78 -26.84 8.98
CA LEU D 110 43.13 -28.06 8.52
C LEU D 110 43.56 -29.27 9.33
N GLN D 111 44.84 -29.34 9.70
CA GLN D 111 45.29 -30.42 10.57
C GLN D 111 44.52 -30.42 11.89
N GLU D 112 44.39 -29.25 12.52
CA GLU D 112 43.63 -29.14 13.77
C GLU D 112 42.18 -29.57 13.57
N LEU D 113 41.59 -29.24 12.42
CA LEU D 113 40.24 -29.70 12.12
C LEU D 113 40.19 -31.21 11.98
N GLU D 114 41.12 -31.78 11.20
CA GLU D 114 41.09 -33.22 10.95
C GLU D 114 41.30 -34.03 12.22
N LYS D 115 42.00 -33.48 13.21
CA LYS D 115 42.13 -34.17 14.49
C LYS D 115 40.77 -34.36 15.15
N TRP D 116 39.91 -33.34 15.09
CA TRP D 116 38.57 -33.51 15.63
C TRP D 116 37.74 -34.45 14.75
N LEU D 117 37.97 -34.44 13.45
CA LEU D 117 37.25 -35.33 12.55
C LEU D 117 37.64 -36.79 12.81
N LYS D 118 38.92 -37.03 13.11
CA LYS D 118 39.36 -38.36 13.50
C LYS D 118 38.97 -38.72 14.92
N ALA D 119 38.39 -37.77 15.67
CA ALA D 119 38.07 -37.95 17.09
C ALA D 119 39.33 -38.31 17.89
N ALA D 120 40.44 -37.65 17.56
CA ALA D 120 41.67 -37.87 18.31
C ALA D 120 41.50 -37.35 19.74
N PRO D 121 42.08 -38.03 20.72
CA PRO D 121 41.90 -37.58 22.12
C PRO D 121 42.42 -36.18 22.37
N ALA D 122 43.48 -35.76 21.67
CA ALA D 122 44.01 -34.41 21.84
C ALA D 122 43.18 -33.34 21.13
N ALA D 123 42.16 -33.74 20.36
CA ALA D 123 41.40 -32.78 19.58
C ALA D 123 40.66 -31.81 20.50
N PHE D 124 40.28 -30.68 19.92
CA PHE D 124 39.60 -29.64 20.68
C PHE D 124 38.22 -30.12 21.14
N ASP D 125 37.82 -29.67 22.32
CA ASP D 125 36.55 -30.10 22.92
C ASP D 125 35.46 -29.12 22.52
N TRP D 126 34.64 -29.52 21.54
CA TRP D 126 33.48 -28.76 21.11
C TRP D 126 32.21 -29.16 21.84
N SER D 127 32.33 -30.04 22.85
CA SER D 127 31.15 -30.57 23.55
C SER D 127 30.16 -29.50 24.01
N PRO D 128 30.56 -28.41 24.69
CA PRO D 128 29.53 -27.43 25.11
C PRO D 128 28.89 -26.70 23.93
N VAL D 129 29.64 -26.47 22.85
CA VAL D 129 29.03 -25.93 21.63
C VAL D 129 28.07 -26.94 21.04
N VAL D 130 28.45 -28.23 21.04
CA VAL D 130 27.59 -29.27 20.48
C VAL D 130 26.28 -29.37 21.24
N THR D 131 26.34 -29.39 22.58
CA THR D 131 25.10 -29.47 23.36
C THR D 131 24.20 -28.26 23.09
N TYR D 132 24.79 -27.07 22.97
CA TYR D 132 23.99 -25.87 22.72
C TYR D 132 23.24 -25.98 21.40
N VAL D 133 23.90 -26.49 20.35
CA VAL D 133 23.23 -26.64 19.06
C VAL D 133 22.18 -27.73 19.13
N CYS D 134 22.46 -28.82 19.86
CA CYS D 134 21.47 -29.90 19.98
C CYS D 134 20.25 -29.43 20.75
N ASP D 135 20.44 -28.51 21.69
CA ASP D 135 19.32 -27.95 22.43
C ASP D 135 18.54 -26.97 21.56
N LEU D 136 19.23 -26.24 20.68
CA LEU D 136 18.53 -25.37 19.74
C LEU D 136 17.61 -26.17 18.83
N GLU D 137 17.98 -27.41 18.52
CA GLU D 137 17.24 -28.25 17.59
C GLU D 137 16.21 -29.12 18.27
N GLY D 138 15.84 -28.83 19.51
CA GLY D 138 14.77 -29.54 20.18
C GLY D 138 15.18 -30.78 20.94
N ASN D 139 16.47 -30.99 21.16
CA ASN D 139 16.99 -32.17 21.86
C ASN D 139 16.50 -33.46 21.21
N ARG D 140 16.36 -33.46 19.89
CA ARG D 140 16.04 -34.69 19.17
C ARG D 140 17.18 -35.70 19.29
N VAL D 141 18.42 -35.22 19.30
CA VAL D 141 19.60 -36.07 19.49
C VAL D 141 20.40 -35.51 20.65
N LYS D 142 21.44 -36.24 21.03
CA LYS D 142 22.36 -35.77 22.06
C LYS D 142 23.74 -35.60 21.45
N GLY D 143 24.66 -35.13 22.29
CA GLY D 143 25.96 -34.67 21.85
C GLY D 143 26.68 -35.64 20.95
N PRO D 144 26.96 -36.85 21.46
CA PRO D 144 27.69 -37.83 20.63
C PRO D 144 27.01 -38.15 19.30
N GLU D 145 25.68 -38.27 19.29
CA GLU D 145 25.00 -38.55 18.03
C GLU D 145 25.14 -37.40 17.05
N LYS D 146 25.14 -36.17 17.55
CA LYS D 146 25.32 -35.01 16.68
C LYS D 146 26.71 -34.98 16.06
N GLU D 147 27.74 -35.14 16.90
CA GLU D 147 29.11 -35.10 16.41
C GLU D 147 29.36 -36.14 15.32
N GLU D 148 28.78 -37.33 15.48
CA GLU D 148 29.00 -38.37 14.48
C GLU D 148 28.35 -38.00 13.14
N LYS D 149 27.18 -37.37 13.18
CA LYS D 149 26.55 -36.94 11.93
C LYS D 149 27.39 -35.90 11.21
N LEU D 150 28.00 -34.98 11.96
CA LEU D 150 28.89 -34.01 11.32
C LEU D 150 30.13 -34.69 10.76
N ARG D 151 30.72 -35.60 11.52
CA ARG D 151 31.93 -36.28 11.06
C ARG D 151 31.68 -37.08 9.79
N GLN D 152 30.50 -37.70 9.67
CA GLN D 152 30.22 -38.47 8.47
C GLN D 152 29.86 -37.58 7.28
N ALA D 153 29.36 -36.37 7.54
CA ALA D 153 29.02 -35.47 6.44
C ALA D 153 30.24 -34.84 5.79
N VAL D 154 31.30 -34.59 6.57
CA VAL D 154 32.51 -33.95 6.05
C VAL D 154 33.29 -35.01 5.27
N LYS D 155 33.24 -34.94 3.94
CA LYS D 155 33.89 -35.93 3.10
C LYS D 155 35.28 -35.51 2.62
N GLN D 156 35.53 -34.21 2.49
CA GLN D 156 36.81 -33.73 1.97
C GLN D 156 37.28 -32.53 2.78
N VAL D 157 38.59 -32.44 2.98
CA VAL D 157 39.24 -31.31 3.65
C VAL D 157 40.25 -30.74 2.65
N LEU D 158 39.93 -29.59 2.08
CA LEU D 158 40.64 -29.10 0.90
C LEU D 158 41.35 -27.78 1.16
N LYS D 159 42.48 -27.60 0.48
CA LYS D 159 43.17 -26.32 0.45
C LYS D 159 42.34 -25.31 -0.34
N CYS D 160 42.30 -24.08 0.15
CA CYS D 160 41.45 -23.05 -0.44
C CYS D 160 42.17 -21.72 -0.46
N ASP D 161 41.91 -20.93 -1.50
CA ASP D 161 42.39 -19.56 -1.59
C ASP D 161 41.30 -18.74 -2.25
N VAL D 162 40.61 -17.91 -1.47
CA VAL D 162 39.48 -17.17 -2.00
C VAL D 162 39.91 -16.12 -3.02
N THR D 163 41.17 -15.73 -3.03
CA THR D 163 41.63 -14.71 -3.94
C THR D 163 41.93 -15.24 -5.34
N GLN D 164 41.86 -16.55 -5.55
CA GLN D 164 42.17 -17.13 -6.84
C GLN D 164 40.88 -17.46 -7.59
N SER D 165 40.95 -17.31 -8.92
CA SER D 165 39.79 -17.58 -9.76
C SER D 165 39.20 -18.96 -9.49
N GLN D 166 40.07 -19.96 -9.30
CA GLN D 166 39.64 -21.27 -8.83
C GLN D 166 40.08 -21.45 -7.37
N PRO D 167 39.20 -21.17 -6.41
CA PRO D 167 39.65 -21.19 -5.00
C PRO D 167 40.16 -22.55 -4.53
N LEU D 168 39.64 -23.64 -5.07
CA LEU D 168 40.07 -24.97 -4.66
C LEU D 168 41.08 -25.57 -5.63
N GLY D 169 41.69 -24.75 -6.49
CA GLY D 169 42.68 -25.26 -7.41
C GLY D 169 42.03 -26.17 -8.46
N ALA D 170 42.69 -27.29 -8.71
CA ALA D 170 42.26 -28.24 -9.74
C ALA D 170 41.33 -29.32 -9.20
N VAL D 171 40.93 -29.23 -7.93
CA VAL D 171 40.04 -30.22 -7.34
C VAL D 171 38.65 -30.07 -7.95
N PRO D 172 38.14 -31.09 -8.62
CA PRO D 172 36.80 -30.99 -9.23
C PRO D 172 35.72 -31.27 -8.20
N LEU D 173 34.71 -30.40 -8.18
CA LEU D 173 33.53 -30.56 -7.34
C LEU D 173 32.30 -30.25 -8.16
N PRO D 174 31.17 -30.89 -7.88
CA PRO D 174 29.92 -30.47 -8.48
C PRO D 174 29.58 -29.06 -8.03
N PRO D 175 28.81 -28.33 -8.83
CA PRO D 175 28.28 -27.04 -8.36
C PRO D 175 27.55 -27.22 -7.05
N ALA D 176 27.93 -26.43 -6.05
CA ALA D 176 27.39 -26.58 -4.71
C ALA D 176 25.99 -25.99 -4.61
N ASP D 177 25.21 -26.55 -3.70
CA ASP D 177 23.93 -25.94 -3.35
C ASP D 177 24.09 -24.76 -2.41
N CYS D 178 25.21 -24.68 -1.70
CA CYS D 178 25.45 -23.60 -0.76
C CYS D 178 26.94 -23.41 -0.57
N VAL D 179 27.36 -22.16 -0.42
CA VAL D 179 28.71 -21.81 -0.03
C VAL D 179 28.62 -21.03 1.27
N LEU D 180 29.31 -21.52 2.30
CA LEU D 180 29.31 -20.90 3.60
C LEU D 180 30.72 -20.45 3.96
N SER D 181 30.82 -19.30 4.62
CA SER D 181 32.12 -18.79 5.07
C SER D 181 31.89 -17.88 6.26
N THR D 182 32.43 -18.25 7.42
CA THR D 182 32.28 -17.49 8.64
C THR D 182 33.63 -16.92 9.04
N LEU D 183 33.70 -15.58 9.16
CA LEU D 183 34.84 -14.86 9.73
C LEU D 183 36.12 -15.03 8.91
N CYS D 184 36.00 -15.20 7.60
CA CYS D 184 37.18 -15.45 6.77
C CYS D 184 37.48 -14.35 5.77
N LEU D 185 36.46 -13.75 5.15
CA LEU D 185 36.70 -12.83 4.05
C LEU D 185 37.38 -11.54 4.52
N ASP D 186 36.98 -11.02 5.69
CA ASP D 186 37.68 -9.86 6.25
C ASP D 186 39.15 -10.16 6.48
N ALA D 187 39.47 -11.39 6.88
CA ALA D 187 40.86 -11.74 7.16
C ALA D 187 41.66 -11.96 5.89
N ALA D 188 41.00 -12.38 4.81
CA ALA D 188 41.71 -12.80 3.60
C ALA D 188 41.87 -11.69 2.58
N CYS D 189 41.04 -10.65 2.64
CA CYS D 189 41.02 -9.64 1.60
C CYS D 189 41.62 -8.33 2.08
N PRO D 190 42.75 -7.89 1.52
CA PRO D 190 43.38 -6.65 1.98
C PRO D 190 42.62 -5.39 1.57
N ASP D 191 41.76 -5.45 0.56
CA ASP D 191 40.99 -4.29 0.14
C ASP D 191 39.65 -4.74 -0.42
N LEU D 192 38.77 -3.76 -0.67
CA LEU D 192 37.42 -4.04 -1.14
C LEU D 192 37.38 -4.65 -2.53
N PRO D 193 38.22 -4.22 -3.49
CA PRO D 193 38.23 -4.92 -4.79
C PRO D 193 38.60 -6.39 -4.68
N THR D 194 39.61 -6.72 -3.87
CA THR D 194 39.92 -8.13 -3.62
C THR D 194 38.73 -8.84 -2.98
N TYR D 195 38.09 -8.18 -2.01
CA TYR D 195 36.91 -8.72 -1.35
C TYR D 195 35.82 -9.06 -2.37
N CYS D 196 35.52 -8.11 -3.26
CA CYS D 196 34.50 -8.34 -4.28
C CYS D 196 34.94 -9.45 -5.24
N ARG D 197 36.21 -9.44 -5.64
CA ARG D 197 36.71 -10.49 -6.53
C ARG D 197 36.64 -11.85 -5.85
N ALA D 198 36.93 -11.90 -4.54
CA ALA D 198 36.82 -13.16 -3.82
C ALA D 198 35.39 -13.69 -3.85
N LEU D 199 34.40 -12.80 -3.73
CA LEU D 199 33.00 -13.22 -3.79
C LEU D 199 32.65 -13.80 -5.15
N ARG D 200 33.25 -13.28 -6.23
CA ARG D 200 33.00 -13.88 -7.54
C ARG D 200 33.65 -15.25 -7.65
N ASN D 201 34.87 -15.38 -7.13
CA ASN D 201 35.54 -16.67 -7.13
C ASN D 201 34.72 -17.73 -6.39
N LEU D 202 34.14 -17.35 -5.25
CA LEU D 202 33.30 -18.30 -4.51
C LEU D 202 32.10 -18.72 -5.35
N GLY D 203 31.55 -17.78 -6.13
CA GLY D 203 30.42 -18.09 -6.98
C GLY D 203 30.72 -19.13 -8.05
N SER D 204 31.99 -19.26 -8.44
CA SER D 204 32.36 -20.30 -9.38
C SER D 204 32.13 -21.69 -8.82
N LEU D 205 31.97 -21.80 -7.50
CA LEU D 205 31.65 -23.07 -6.85
C LEU D 205 30.15 -23.24 -6.64
N LEU D 206 29.35 -22.23 -6.97
CA LEU D 206 27.95 -22.21 -6.61
C LEU D 206 27.08 -22.58 -7.81
N LYS D 207 26.06 -23.38 -7.55
CA LYS D 207 24.98 -23.62 -8.50
C LYS D 207 24.29 -22.29 -8.81
N PRO D 208 23.78 -22.11 -10.04
CA PRO D 208 22.96 -20.93 -10.31
C PRO D 208 21.72 -20.92 -9.44
N GLY D 209 21.47 -19.79 -8.80
CA GLY D 209 20.45 -19.72 -7.77
C GLY D 209 20.85 -20.35 -6.46
N GLY D 210 22.09 -20.80 -6.33
CA GLY D 210 22.55 -21.37 -5.08
C GLY D 210 22.70 -20.33 -3.99
N PHE D 211 22.79 -20.81 -2.76
CA PHE D 211 22.84 -19.94 -1.59
C PHE D 211 24.26 -19.57 -1.23
N LEU D 212 24.46 -18.32 -0.84
CA LEU D 212 25.72 -17.83 -0.29
C LEU D 212 25.43 -17.29 1.10
N VAL D 213 26.09 -17.86 2.11
CA VAL D 213 25.87 -17.49 3.51
C VAL D 213 27.19 -17.02 4.08
N ILE D 214 27.27 -15.73 4.39
CA ILE D 214 28.46 -15.11 4.97
C ILE D 214 28.11 -14.52 6.32
N MET D 215 29.00 -14.73 7.30
CA MET D 215 28.95 -14.05 8.59
C MET D 215 30.35 -13.56 8.89
N ASP D 216 30.48 -12.29 9.26
CA ASP D 216 31.80 -11.70 9.41
C ASP D 216 31.72 -10.45 10.27
N ALA D 217 32.88 -9.86 10.54
CA ALA D 217 32.99 -8.69 11.38
C ALA D 217 32.70 -7.43 10.57
N LEU D 218 32.24 -6.39 11.27
CA LEU D 218 32.03 -5.09 10.67
C LEU D 218 33.06 -4.10 11.20
N LYS D 219 33.64 -3.32 10.30
CA LYS D 219 34.49 -2.18 10.66
C LYS D 219 35.68 -2.60 11.51
N SER D 220 36.25 -3.77 11.20
CA SER D 220 37.35 -4.34 11.98
C SER D 220 38.65 -4.23 11.18
N SER D 221 39.63 -3.53 11.76
CA SER D 221 40.93 -3.40 11.14
C SER D 221 41.91 -4.49 11.56
N TYR D 222 41.66 -5.20 12.65
CA TYR D 222 42.57 -6.23 13.12
C TYR D 222 41.84 -7.18 14.05
N TYR D 223 42.45 -8.34 14.26
CA TYR D 223 42.05 -9.24 15.33
C TYR D 223 43.31 -9.82 15.96
N MET D 224 43.18 -10.24 17.22
CA MET D 224 44.31 -10.71 18.01
C MET D 224 44.18 -12.19 18.30
N ILE D 225 45.29 -12.91 18.21
CA ILE D 225 45.42 -14.24 18.78
C ILE D 225 46.47 -14.13 19.87
N GLY D 226 46.03 -13.93 21.11
CA GLY D 226 47.00 -13.63 22.15
C GLY D 226 47.72 -12.32 21.88
N GLU D 227 49.03 -12.40 21.66
CA GLU D 227 49.80 -11.20 21.38
C GLU D 227 50.02 -10.97 19.90
N GLN D 228 49.51 -11.81 19.03
CA GLN D 228 49.54 -11.46 17.63
C GLN D 228 48.31 -10.94 16.99
N LYS D 229 48.61 -9.86 16.28
CA LYS D 229 47.74 -9.03 15.54
C LYS D 229 47.78 -9.45 14.10
N PHE D 230 46.60 -9.63 13.54
CA PHE D 230 46.41 -9.97 12.15
C PHE D 230 45.51 -8.91 11.53
N SER D 231 45.73 -8.69 10.25
CA SER D 231 44.98 -7.68 9.52
C SER D 231 43.54 -8.12 9.29
N SER D 232 42.64 -7.13 9.27
CA SER D 232 41.27 -7.31 8.84
C SER D 232 40.84 -6.12 8.00
N LEU D 233 39.95 -6.38 7.04
CA LEU D 233 39.41 -5.32 6.19
C LEU D 233 38.26 -4.65 6.92
N PRO D 234 38.38 -3.38 7.31
CA PRO D 234 37.34 -2.74 8.14
C PRO D 234 36.15 -2.29 7.29
N LEU D 235 35.35 -3.26 6.86
CA LEU D 235 34.22 -2.99 5.99
C LEU D 235 33.02 -2.54 6.79
N GLY D 236 32.31 -1.55 6.25
CA GLY D 236 30.98 -1.24 6.73
C GLY D 236 29.93 -2.07 6.01
N ARG D 237 28.72 -2.05 6.57
CA ARG D 237 27.61 -2.82 6.00
C ARG D 237 27.37 -2.43 4.55
N GLU D 238 27.43 -1.13 4.23
CA GLU D 238 27.19 -0.67 2.86
C GLU D 238 28.21 -1.26 1.91
N ALA D 239 29.49 -1.26 2.30
CA ALA D 239 30.53 -1.85 1.47
C ALA D 239 30.29 -3.33 1.22
N VAL D 240 29.87 -4.06 2.26
CA VAL D 240 29.56 -5.48 2.08
C VAL D 240 28.46 -5.64 1.05
N GLU D 241 27.37 -4.88 1.21
CA GLU D 241 26.23 -4.99 0.29
C GLU D 241 26.66 -4.70 -1.15
N ALA D 242 27.43 -3.62 -1.34
CA ALA D 242 27.85 -3.25 -2.69
C ALA D 242 28.70 -4.33 -3.33
N ALA D 243 29.66 -4.89 -2.57
CA ALA D 243 30.51 -5.93 -3.12
C ALA D 243 29.70 -7.18 -3.43
N VAL D 244 28.72 -7.52 -2.58
CA VAL D 244 27.94 -8.73 -2.81
C VAL D 244 27.14 -8.63 -4.09
N LYS D 245 26.45 -7.50 -4.31
CA LYS D 245 25.66 -7.35 -5.52
C LYS D 245 26.56 -7.26 -6.75
N GLU D 246 27.67 -6.52 -6.65
CA GLU D 246 28.58 -6.41 -7.77
C GLU D 246 29.18 -7.75 -8.14
N ALA D 247 29.41 -8.62 -7.16
CA ALA D 247 29.95 -9.95 -7.44
C ALA D 247 28.93 -10.88 -8.08
N GLY D 248 27.67 -10.45 -8.21
CA GLY D 248 26.67 -11.22 -8.90
C GLY D 248 25.70 -12.00 -8.03
N TYR D 249 25.35 -11.48 -6.85
CA TYR D 249 24.41 -12.12 -5.97
C TYR D 249 23.26 -11.16 -5.69
N THR D 250 22.12 -11.74 -5.29
CA THR D 250 21.01 -10.96 -4.77
C THR D 250 20.80 -11.35 -3.30
N ILE D 251 20.72 -10.35 -2.43
CA ILE D 251 20.65 -10.59 -1.00
C ILE D 251 19.20 -10.87 -0.60
N GLU D 252 18.99 -11.98 0.09
CA GLU D 252 17.65 -12.33 0.58
C GLU D 252 17.39 -11.74 1.96
N TRP D 253 18.34 -11.85 2.88
CA TRP D 253 18.23 -11.10 4.11
C TRP D 253 19.63 -10.76 4.63
N PHE D 254 19.69 -9.67 5.38
CA PHE D 254 20.94 -9.10 5.86
C PHE D 254 20.71 -8.64 7.30
N GLU D 255 21.46 -9.19 8.24
CA GLU D 255 21.30 -8.85 9.64
C GLU D 255 22.61 -8.27 10.18
N VAL D 256 22.49 -7.25 11.00
CA VAL D 256 23.61 -6.60 11.65
C VAL D 256 23.34 -6.63 13.16
N ILE D 257 24.30 -7.14 13.92
CA ILE D 257 24.22 -7.10 15.37
C ILE D 257 25.28 -6.14 15.88
N SER D 258 24.96 -5.42 16.96
CA SER D 258 25.89 -4.46 17.55
C SER D 258 26.96 -5.13 18.40
N GLN D 259 26.69 -6.33 18.91
CA GLN D 259 27.59 -7.02 19.82
C GLN D 259 28.99 -7.15 19.22
N SER D 260 30.00 -6.80 20.02
CA SER D 260 31.38 -6.75 19.56
C SER D 260 32.24 -7.75 20.34
N TYR D 261 33.38 -8.08 19.74
CA TYR D 261 34.44 -8.75 20.48
C TYR D 261 35.07 -7.80 21.49
N SER D 262 35.73 -8.39 22.49
CA SER D 262 36.49 -7.63 23.46
C SER D 262 37.59 -6.84 22.77
N SER D 263 37.89 -5.65 23.32
CA SER D 263 38.89 -4.79 22.71
C SER D 263 40.26 -5.45 22.64
N THR D 264 40.54 -6.41 23.52
CA THR D 264 41.80 -7.13 23.48
C THR D 264 41.88 -8.14 22.34
N MET D 265 40.78 -8.46 21.69
CA MET D 265 40.79 -9.49 20.67
C MET D 265 40.45 -8.97 19.28
N ALA D 266 39.45 -8.11 19.14
CA ALA D 266 39.15 -7.50 17.85
C ALA D 266 38.54 -6.13 18.08
N ASN D 267 38.75 -5.23 17.11
CA ASN D 267 38.20 -3.88 17.17
C ASN D 267 36.99 -3.74 16.25
N ASN D 268 36.19 -4.80 16.13
CA ASN D 268 35.01 -4.73 15.29
C ASN D 268 33.93 -3.90 15.96
N GLU D 269 33.03 -3.37 15.15
CA GLU D 269 31.81 -2.75 15.61
C GLU D 269 30.62 -3.60 15.17
N GLY D 270 30.48 -4.76 15.80
CA GLY D 270 29.43 -5.68 15.46
C GLY D 270 29.80 -6.63 14.35
N LEU D 271 28.81 -7.44 13.97
CA LEU D 271 28.96 -8.45 12.94
C LEU D 271 27.78 -8.37 11.97
N PHE D 272 27.97 -8.91 10.77
CA PHE D 272 26.88 -9.03 9.83
C PHE D 272 26.65 -10.49 9.50
N SER D 273 25.42 -10.77 9.06
CA SER D 273 25.01 -12.10 8.64
C SER D 273 24.11 -11.92 7.44
N LEU D 274 24.42 -12.59 6.33
CA LEU D 274 23.63 -12.45 5.13
C LEU D 274 23.44 -13.80 4.45
N VAL D 275 22.28 -13.95 3.83
CA VAL D 275 22.01 -15.05 2.91
C VAL D 275 21.73 -14.42 1.56
N ALA D 276 22.46 -14.85 0.54
CA ALA D 276 22.33 -14.31 -0.80
C ALA D 276 22.17 -15.47 -1.79
N ARG D 277 21.76 -15.13 -3.00
CA ARG D 277 21.61 -16.12 -4.06
C ARG D 277 22.37 -15.67 -5.29
N LYS D 278 23.00 -16.63 -5.97
CA LYS D 278 23.74 -16.34 -7.19
C LYS D 278 22.76 -16.05 -8.31
N LEU D 279 22.87 -14.86 -8.90
CA LEU D 279 21.97 -14.45 -9.97
C LEU D 279 22.14 -15.33 -11.20
#